data_5OLB
#
_entry.id   5OLB
#
_cell.length_a   124.734
_cell.length_b   100.045
_cell.length_c   78.778
_cell.angle_alpha   90.00
_cell.angle_beta   90.00
_cell.angle_gamma   90.00
#
_symmetry.space_group_name_H-M   'P 21 21 21'
#
loop_
_entity.id
_entity.type
_entity.pdbx_description
1 polymer 'Ectonucleotide pyrophosphatase/phosphodiesterase family member 2'
2 branched alpha-D-mannopyranose-(1-3)-beta-D-mannopyranose-(1-4)-2-acetamido-2-deoxy-beta-D-glucopyranose-(1-4)-[alpha-L-fucopyranose-(1-3)][alpha-L-fucopyranose-(1-6)]2-acetamido-2-deoxy-beta-D-glucopyranose
3 branched 2-acetamido-2-deoxy-beta-D-glucopyranose-(1-4)-2-acetamido-2-deoxy-beta-D-glucopyranose
4 branched alpha-D-mannopyranose-(1-2)-alpha-D-mannopyranose-(1-3)-alpha-D-mannopyranose-(1-6)-beta-D-mannopyranose-(1-4)-2-acetamido-2-deoxy-beta-D-glucopyranose-(1-4)-2-acetamido-2-deoxy-beta-D-glucopyranose
5 non-polymer 'ZINC ION'
6 non-polymer 'CALCIUM ION'
7 non-polymer 'SODIUM ION'
8 non-polymer 'POTASSIUM ION'
9 non-polymer 'CHLORIDE ION'
10 non-polymer 'TRIETHYLENE GLYCOL'
11 non-polymer 'SULFATE ION'
12 non-polymer '(3,5-dichlorophenyl)methyl 4-[3-oxo-3-(2-oxo-2,3-dihydro-1,3-benzoxazol-6-yl)propyl]piperazine-1-carboxylate'
13 water water
#
_entity_poly.entity_id   1
_entity_poly.type   'polypeptide(L)'
_entity_poly.pdbx_seq_one_letter_code
;DPSMAEWDEGPPTVLSDSPWTNTSGSCKGRCFELQEVGPPDCRCDNLCKSYSSCCHDFDELCLKTARGWECTKDRCGEVR
NEENACHCSEDCLSRGDCCTNYQVVCKGESHWVDDDCEEIRVPECPAGFVRPPLIIFSVDGFRASYMKKGSKVMPNIEKL
RSCGTHAPYMRPVYPTKTFPNLYTLATGLYPESHGIVGNSMYDPVFDATFHLRGREKFNHRWWGGQPLWITATKQGVRAG
TFFWSVSIPHERRILTILQWLSLPDNERPSVYAFYSEQPDFSGHKYGPFGPEMTNPLREIDKTVGQLMDGLKQLKLHRCV
NVIFVGDHGMEDVTCDRTEFLSNYLTNVDDITLVPGTLGRIRPKIPNNLKYDPKAIIANLTCKKPDQHFKPYMKQHLPKR
LHYANNRRIEDLHLLVERRWHVARKPLDVYKKPSGKCFFQGDHGFDNKVNSMQTVFVGYGPTFKYRTKVPPFENIELYNV
MCDLLGLKPAPNNGTHGSLNHLLRTNTFRPTLPEEVSRPNYPGIMYLQSDFDLGCTCDDKNKLEELNKRLHTKGSTEERH
LLYGRPAVLYRTSYDILYHTDFESGYSEIFLMPLWTSYTISKQAEVSSIPEHLTNCVRPDVRVSPGFSQNCLAYKNDKQM
SYGFLFPPYLSSSPEAKYDAFLVTNMVPMYPAFKRVWTYFQRVLVKKYASERNGVNVISGPIFDYNYNGLRDIEDEIKQY
VEGSSIPVPTHYYSIITSCLDFTQPADKCDGPLSVSSFILPHRPDNDESCNSSEDESKWVEELMKMHTARVRDIEHLTGL
DFYRKTSRSYSEILTLKTYLHTYESEISRENLYFQGHHHHHHHH
;
_entity_poly.pdbx_strand_id   A
#
# COMPACT_ATOMS: atom_id res chain seq x y z
N TRP A 20 34.17 -23.07 -5.02
CA TRP A 20 35.17 -22.50 -5.92
C TRP A 20 34.66 -22.38 -7.36
N THR A 21 35.07 -21.31 -8.07
CA THR A 21 34.72 -21.06 -9.47
C THR A 21 36.00 -20.81 -10.29
N ASN A 22 36.14 -21.46 -11.46
CA ASN A 22 37.30 -21.25 -12.32
C ASN A 22 37.13 -20.00 -13.21
N THR A 23 37.64 -18.84 -12.73
CA THR A 23 37.57 -17.56 -13.45
C THR A 23 38.49 -17.51 -14.69
N SER A 24 39.35 -18.54 -14.92
CA SER A 24 40.22 -18.58 -16.10
C SER A 24 39.45 -18.91 -17.39
N GLY A 25 38.17 -19.23 -17.26
CA GLY A 25 37.27 -19.44 -18.40
C GLY A 25 37.01 -18.12 -19.11
N SER A 26 36.27 -18.15 -20.23
CA SER A 26 36.04 -16.92 -21.02
C SER A 26 34.58 -16.56 -21.29
N CYS A 27 34.31 -15.25 -21.35
CA CYS A 27 32.98 -14.69 -21.65
C CYS A 27 32.77 -14.42 -23.15
N LYS A 28 33.73 -14.81 -24.01
CA LYS A 28 33.66 -14.62 -25.47
C LYS A 28 32.37 -15.23 -26.04
N GLY A 29 31.54 -14.36 -26.61
CA GLY A 29 30.24 -14.71 -27.19
C GLY A 29 29.20 -15.14 -26.19
N ARG A 30 29.38 -14.77 -24.90
CA ARG A 30 28.49 -15.14 -23.78
C ARG A 30 28.03 -13.94 -22.96
N CYS A 31 28.47 -12.71 -23.32
CA CYS A 31 28.13 -11.50 -22.57
C CYS A 31 26.63 -11.32 -22.35
N PHE A 32 26.24 -11.25 -21.06
CA PHE A 32 24.87 -11.06 -20.57
C PHE A 32 23.93 -12.17 -21.03
N GLU A 33 24.46 -13.42 -21.05
CA GLU A 33 23.69 -14.62 -21.42
C GLU A 33 22.56 -14.83 -20.42
N LEU A 34 21.42 -15.32 -20.91
CA LEU A 34 20.26 -15.51 -20.04
C LEU A 34 20.33 -16.78 -19.18
N GLN A 35 21.13 -17.78 -19.59
CA GLN A 35 21.27 -19.01 -18.81
C GLN A 35 22.07 -18.79 -17.52
N GLU A 36 21.49 -19.16 -16.37
CA GLU A 36 22.20 -18.96 -15.10
C GLU A 36 23.18 -20.10 -14.87
N VAL A 37 24.43 -19.71 -14.70
CA VAL A 37 25.56 -20.60 -14.49
C VAL A 37 25.89 -20.58 -12.98
N GLY A 38 26.34 -21.70 -12.45
CA GLY A 38 26.70 -21.84 -11.05
C GLY A 38 28.10 -22.42 -10.88
N PRO A 39 28.67 -22.40 -9.65
CA PRO A 39 30.03 -22.96 -9.45
C PRO A 39 30.17 -24.41 -9.94
N PRO A 40 31.33 -24.83 -10.50
CA PRO A 40 32.59 -24.08 -10.66
C PRO A 40 32.75 -23.30 -11.97
N ASP A 41 31.69 -23.22 -12.80
CA ASP A 41 31.78 -22.52 -14.08
C ASP A 41 31.73 -21.02 -13.89
N CYS A 42 32.60 -20.28 -14.61
CA CYS A 42 32.58 -18.82 -14.49
C CYS A 42 31.41 -18.22 -15.25
N ARG A 43 30.78 -17.23 -14.64
CA ARG A 43 29.57 -16.59 -15.14
C ARG A 43 29.80 -15.36 -16.02
N CYS A 44 28.84 -15.10 -16.93
CA CYS A 44 28.85 -13.98 -17.87
C CYS A 44 27.55 -13.20 -17.82
N ASP A 45 26.62 -13.64 -16.97
CA ASP A 45 25.34 -12.98 -16.76
C ASP A 45 25.60 -11.75 -15.90
N ASN A 46 24.65 -10.82 -15.90
CA ASN A 46 24.68 -9.57 -15.14
C ASN A 46 24.95 -9.76 -13.64
N LEU A 47 24.39 -10.82 -13.03
CA LEU A 47 24.54 -11.12 -11.59
C LEU A 47 25.92 -11.65 -11.15
N CYS A 48 26.81 -12.06 -12.10
CA CYS A 48 28.13 -12.62 -11.77
C CYS A 48 28.96 -11.73 -10.82
N LYS A 49 28.88 -10.39 -10.99
CA LYS A 49 29.62 -9.41 -10.18
C LYS A 49 29.33 -9.49 -8.67
N SER A 50 28.06 -9.75 -8.29
CA SER A 50 27.64 -9.84 -6.89
C SER A 50 27.94 -11.21 -6.25
N TYR A 51 28.48 -12.16 -7.04
CA TYR A 51 28.85 -13.49 -6.57
C TYR A 51 30.36 -13.76 -6.74
N SER A 52 31.12 -12.73 -7.19
CA SER A 52 32.58 -12.76 -7.44
C SER A 52 32.96 -13.98 -8.30
N SER A 53 32.12 -14.27 -9.31
CA SER A 53 32.23 -15.44 -10.18
C SER A 53 32.28 -15.13 -11.69
N CYS A 54 32.51 -13.86 -12.07
CA CYS A 54 32.64 -13.48 -13.48
C CYS A 54 33.92 -14.09 -14.04
N CYS A 55 33.91 -14.46 -15.33
CA CYS A 55 35.14 -14.92 -15.98
C CYS A 55 36.11 -13.72 -16.00
N HIS A 56 37.43 -14.00 -15.97
CA HIS A 56 38.48 -12.98 -15.92
C HIS A 56 38.31 -11.85 -16.94
N ASP A 57 37.76 -12.17 -18.12
CA ASP A 57 37.59 -11.23 -19.23
C ASP A 57 36.20 -10.58 -19.33
N PHE A 58 35.37 -10.71 -18.27
CA PHE A 58 34.02 -10.10 -18.28
C PHE A 58 34.07 -8.58 -18.48
N ASP A 59 34.92 -7.87 -17.71
CA ASP A 59 35.05 -6.40 -17.84
C ASP A 59 35.48 -5.98 -19.25
N GLU A 60 36.52 -6.64 -19.80
CA GLU A 60 37.06 -6.29 -21.11
C GLU A 60 36.14 -6.65 -22.28
N LEU A 61 35.38 -7.75 -22.17
CA LEU A 61 34.51 -8.17 -23.26
C LEU A 61 33.07 -7.65 -23.15
N CYS A 62 32.51 -7.66 -21.92
CA CYS A 62 31.10 -7.32 -21.67
C CYS A 62 30.86 -5.89 -21.21
N LEU A 63 31.86 -5.25 -20.57
CA LEU A 63 31.71 -3.87 -20.12
C LEU A 63 32.58 -2.91 -20.98
N LYS A 64 32.51 -3.09 -22.30
CA LYS A 64 33.22 -2.26 -23.27
C LYS A 64 32.73 -0.81 -23.22
N THR A 65 33.67 0.15 -23.28
CA THR A 65 33.37 1.58 -23.22
C THR A 65 33.99 2.34 -24.41
N ALA A 66 34.77 1.65 -25.25
CA ALA A 66 35.49 2.24 -26.39
C ALA A 66 34.61 3.05 -27.35
N ARG A 67 35.00 4.33 -27.55
CA ARG A 67 34.38 5.35 -28.40
C ARG A 67 33.05 5.88 -27.84
N GLY A 68 32.76 5.55 -26.58
CA GLY A 68 31.57 6.06 -25.91
C GLY A 68 30.25 5.47 -26.34
N TRP A 69 29.18 6.19 -26.05
CA TRP A 69 27.83 5.71 -26.25
C TRP A 69 27.09 6.31 -27.44
N GLU A 70 27.72 7.24 -28.16
CA GLU A 70 27.05 7.91 -29.28
C GLU A 70 27.73 7.76 -30.61
N CYS A 71 26.94 7.50 -31.67
CA CYS A 71 27.44 7.49 -33.04
C CYS A 71 27.74 8.94 -33.41
N THR A 72 28.74 9.14 -34.28
CA THR A 72 29.13 10.46 -34.83
C THR A 72 29.08 10.26 -36.34
N LYS A 73 29.00 11.36 -37.11
CA LYS A 73 28.92 11.31 -38.58
C LYS A 73 30.02 10.46 -39.23
N ASP A 74 31.28 10.60 -38.74
CA ASP A 74 32.42 9.86 -39.28
C ASP A 74 32.35 8.35 -39.02
N ARG A 75 31.49 7.90 -38.08
CA ARG A 75 31.31 6.49 -37.77
C ARG A 75 30.22 5.82 -38.61
N CYS A 76 29.34 6.61 -39.27
CA CYS A 76 28.25 6.07 -40.10
C CYS A 76 28.76 5.14 -41.22
N GLY A 77 28.25 3.92 -41.26
CA GLY A 77 28.62 2.93 -42.26
C GLY A 77 30.02 2.35 -42.09
N GLU A 78 30.59 2.49 -40.88
CA GLU A 78 31.92 1.98 -40.52
C GLU A 78 31.99 0.46 -40.65
N VAL A 79 33.21 -0.08 -40.77
CA VAL A 79 33.40 -1.53 -40.75
C VAL A 79 33.29 -1.83 -39.25
N ARG A 80 32.47 -2.83 -38.90
CA ARG A 80 32.25 -3.23 -37.51
C ARG A 80 33.56 -3.52 -36.77
N ASN A 81 33.74 -2.86 -35.62
CA ASN A 81 34.88 -3.10 -34.75
C ASN A 81 34.35 -3.64 -33.44
N GLU A 82 34.65 -4.92 -33.15
CA GLU A 82 34.18 -5.63 -31.95
C GLU A 82 34.60 -4.99 -30.61
N GLU A 83 35.59 -4.09 -30.62
CA GLU A 83 36.07 -3.42 -29.41
C GLU A 83 35.13 -2.30 -28.96
N ASN A 84 34.31 -1.78 -29.89
CA ASN A 84 33.43 -0.66 -29.58
C ASN A 84 32.33 -0.96 -28.58
N ALA A 85 31.99 0.03 -27.74
CA ALA A 85 30.92 -0.06 -26.74
C ALA A 85 29.58 -0.32 -27.44
N CYS A 86 29.37 0.34 -28.58
CA CYS A 86 28.18 0.20 -29.43
C CYS A 86 28.58 0.50 -30.88
N HIS A 87 27.70 0.17 -31.83
CA HIS A 87 28.04 0.20 -33.24
C HIS A 87 27.27 1.19 -34.10
N CYS A 88 27.86 1.56 -35.24
CA CYS A 88 27.33 2.52 -36.21
C CYS A 88 27.46 1.94 -37.62
N SER A 89 27.69 0.62 -37.68
CA SER A 89 27.84 -0.16 -38.90
C SER A 89 26.46 -0.49 -39.47
N GLU A 90 26.37 -0.68 -40.80
CA GLU A 90 25.14 -1.02 -41.51
C GLU A 90 24.44 -2.28 -40.95
N ASP A 91 25.20 -3.22 -40.36
CA ASP A 91 24.67 -4.46 -39.79
C ASP A 91 24.17 -4.34 -38.33
N CYS A 92 24.40 -3.20 -37.66
CA CYS A 92 24.07 -3.07 -36.24
C CYS A 92 22.57 -3.26 -35.92
N LEU A 93 21.64 -2.81 -36.79
CA LEU A 93 20.20 -2.98 -36.53
C LEU A 93 19.78 -4.45 -36.53
N SER A 94 20.31 -5.23 -37.49
CA SER A 94 20.06 -6.67 -37.61
C SER A 94 20.71 -7.48 -36.48
N ARG A 95 21.72 -6.89 -35.80
CA ARG A 95 22.46 -7.50 -34.68
C ARG A 95 21.94 -6.96 -33.32
N GLY A 96 21.18 -5.87 -33.37
CA GLY A 96 20.59 -5.21 -32.22
C GLY A 96 21.55 -4.53 -31.26
N ASP A 97 22.71 -4.06 -31.76
CA ASP A 97 23.74 -3.42 -30.90
C ASP A 97 24.21 -2.03 -31.38
N CYS A 98 23.35 -1.30 -32.13
CA CYS A 98 23.63 0.08 -32.56
C CYS A 98 23.73 0.94 -31.31
N CYS A 99 24.48 2.07 -31.40
CA CYS A 99 24.39 3.09 -30.34
C CYS A 99 22.95 3.60 -30.51
N THR A 100 22.28 3.98 -29.42
CA THR A 100 20.86 4.36 -29.47
C THR A 100 20.56 5.53 -30.45
N ASN A 101 21.53 6.41 -30.73
CA ASN A 101 21.36 7.55 -31.62
C ASN A 101 21.80 7.26 -33.07
N TYR A 102 22.06 5.98 -33.41
CA TYR A 102 22.53 5.58 -34.75
C TYR A 102 21.65 6.14 -35.88
N GLN A 103 20.33 5.85 -35.87
CA GLN A 103 19.46 6.35 -36.94
C GLN A 103 19.32 7.87 -36.98
N VAL A 104 19.41 8.53 -35.82
CA VAL A 104 19.34 10.00 -35.74
C VAL A 104 20.55 10.61 -36.47
N VAL A 105 21.75 10.14 -36.15
CA VAL A 105 22.99 10.67 -36.73
C VAL A 105 23.23 10.21 -38.18
N CYS A 106 22.98 8.92 -38.48
CA CYS A 106 23.33 8.30 -39.75
C CYS A 106 22.22 8.20 -40.80
N LYS A 107 20.94 8.24 -40.37
CA LYS A 107 19.83 8.05 -41.30
C LYS A 107 18.81 9.19 -41.32
N GLY A 108 19.13 10.29 -40.66
CA GLY A 108 18.28 11.48 -40.60
C GLY A 108 16.99 11.32 -39.82
N GLU A 109 16.91 10.31 -38.94
CA GLU A 109 15.72 10.08 -38.13
C GLU A 109 15.63 11.11 -37.00
N SER A 110 14.43 11.33 -36.47
CA SER A 110 14.24 12.28 -35.37
C SER A 110 14.33 11.53 -34.05
N HIS A 111 14.73 12.23 -32.97
CA HIS A 111 14.74 11.65 -31.64
C HIS A 111 13.28 11.35 -31.25
N TRP A 112 13.05 10.28 -30.52
CA TRP A 112 11.69 9.91 -30.09
C TRP A 112 10.99 11.09 -29.40
N VAL A 113 11.69 11.82 -28.49
CA VAL A 113 11.12 12.94 -27.72
C VAL A 113 10.61 14.08 -28.64
N ASP A 114 11.21 14.22 -29.83
CA ASP A 114 10.83 15.25 -30.80
C ASP A 114 9.59 14.92 -31.62
N ASP A 115 9.14 13.66 -31.57
CA ASP A 115 7.97 13.20 -32.31
C ASP A 115 6.70 13.60 -31.64
N ASP A 116 5.64 13.79 -32.43
CA ASP A 116 4.34 14.10 -31.86
C ASP A 116 3.80 12.90 -31.13
N CYS A 117 2.99 13.16 -30.11
N CYS A 117 2.85 13.14 -30.26
CA CYS A 117 2.31 12.14 -29.31
CA CYS A 117 2.19 12.04 -29.59
C CYS A 117 1.22 11.56 -30.23
C CYS A 117 1.10 11.56 -30.51
N GLU A 118 1.35 10.27 -30.61
N GLU A 118 1.17 10.28 -30.85
CA GLU A 118 0.41 9.58 -31.51
CA GLU A 118 0.18 9.66 -31.71
C GLU A 118 -0.24 8.39 -30.78
C GLU A 118 -0.28 8.38 -31.06
N GLU A 119 -1.58 8.31 -30.80
CA GLU A 119 -2.30 7.20 -30.16
C GLU A 119 -1.87 5.83 -30.71
N ILE A 120 -1.66 4.86 -29.82
CA ILE A 120 -1.29 3.49 -30.18
C ILE A 120 -2.55 2.65 -29.95
N ARG A 121 -3.35 2.47 -31.02
CA ARG A 121 -4.64 1.77 -30.95
C ARG A 121 -4.49 0.24 -30.85
N VAL A 122 -3.34 -0.29 -31.29
CA VAL A 122 -3.02 -1.71 -31.32
C VAL A 122 -1.47 -1.85 -31.35
N PRO A 123 -0.83 -2.89 -30.75
CA PRO A 123 0.65 -2.96 -30.82
C PRO A 123 1.17 -3.02 -32.25
N GLU A 124 2.25 -2.29 -32.52
CA GLU A 124 2.91 -2.26 -33.82
C GLU A 124 4.28 -2.89 -33.61
N CYS A 125 4.36 -4.21 -33.80
CA CYS A 125 5.56 -4.99 -33.51
C CYS A 125 6.17 -5.64 -34.77
N PRO A 126 7.49 -5.96 -34.77
CA PRO A 126 8.08 -6.68 -35.92
C PRO A 126 7.51 -8.10 -36.02
N ALA A 127 7.74 -8.80 -37.15
CA ALA A 127 7.27 -10.17 -37.30
C ALA A 127 7.94 -11.05 -36.22
N GLY A 128 7.19 -12.01 -35.70
CA GLY A 128 7.70 -12.90 -34.65
C GLY A 128 7.25 -12.53 -33.24
N PHE A 129 6.73 -11.29 -33.06
CA PHE A 129 6.22 -10.86 -31.75
C PHE A 129 4.74 -11.23 -31.67
N VAL A 130 4.33 -11.96 -30.61
CA VAL A 130 2.94 -12.42 -30.43
C VAL A 130 2.19 -11.58 -29.40
N ARG A 131 2.93 -10.79 -28.61
CA ARG A 131 2.37 -9.90 -27.60
C ARG A 131 3.36 -8.78 -27.29
N PRO A 132 2.89 -7.62 -26.79
CA PRO A 132 3.83 -6.55 -26.48
C PRO A 132 4.74 -6.89 -25.29
N PRO A 133 6.07 -6.74 -25.43
CA PRO A 133 6.95 -6.93 -24.26
C PRO A 133 6.68 -5.85 -23.20
N LEU A 134 7.11 -6.12 -21.96
CA LEU A 134 6.97 -5.15 -20.88
C LEU A 134 8.34 -4.71 -20.39
N ILE A 135 8.56 -3.39 -20.30
CA ILE A 135 9.82 -2.85 -19.73
C ILE A 135 9.48 -2.06 -18.48
N ILE A 136 10.00 -2.49 -17.32
CA ILE A 136 9.81 -1.79 -16.05
C ILE A 136 11.05 -0.91 -15.84
N PHE A 137 10.85 0.40 -15.89
CA PHE A 137 11.92 1.38 -15.70
C PHE A 137 11.78 1.94 -14.27
N SER A 138 12.50 1.34 -13.33
CA SER A 138 12.44 1.73 -11.92
C SER A 138 13.46 2.80 -11.57
N VAL A 139 13.00 3.83 -10.86
CA VAL A 139 13.82 4.95 -10.44
C VAL A 139 13.79 5.07 -8.92
N ASP A 140 14.95 4.92 -8.29
CA ASP A 140 15.01 4.98 -6.83
C ASP A 140 14.85 6.42 -6.30
N GLY A 141 14.02 6.59 -5.28
CA GLY A 141 13.84 7.88 -4.61
C GLY A 141 13.24 8.99 -5.45
N PHE A 142 12.51 8.64 -6.51
CA PHE A 142 11.89 9.63 -7.38
C PHE A 142 10.58 10.12 -6.75
N ARG A 143 10.66 11.26 -6.08
CA ARG A 143 9.52 11.91 -5.42
C ARG A 143 8.49 12.32 -6.48
N ALA A 144 7.19 12.09 -6.19
CA ALA A 144 6.09 12.45 -7.10
C ALA A 144 6.16 13.90 -7.58
N SER A 145 6.45 14.84 -6.66
CA SER A 145 6.51 16.28 -6.98
C SER A 145 7.68 16.64 -7.92
N TYR A 146 8.65 15.72 -8.18
CA TYR A 146 9.73 16.00 -9.15
C TYR A 146 9.16 16.19 -10.56
N MET A 147 8.00 15.59 -10.86
CA MET A 147 7.32 15.73 -12.16
C MET A 147 6.93 17.19 -12.46
N LYS A 148 6.75 18.03 -11.40
CA LYS A 148 6.44 19.47 -11.52
C LYS A 148 7.55 20.24 -12.27
N LYS A 149 8.79 19.70 -12.27
CA LYS A 149 9.93 20.29 -13.00
C LYS A 149 9.67 20.28 -14.53
N GLY A 150 8.79 19.37 -14.98
CA GLY A 150 8.33 19.28 -16.36
C GLY A 150 9.35 19.02 -17.45
N SER A 151 8.97 19.36 -18.70
CA SER A 151 9.75 19.15 -19.93
C SER A 151 11.07 19.91 -20.00
N LYS A 152 11.21 21.01 -19.24
CA LYS A 152 12.44 21.81 -19.21
C LYS A 152 13.61 21.02 -18.62
N VAL A 153 13.30 20.12 -17.65
CA VAL A 153 14.30 19.28 -16.99
C VAL A 153 14.27 17.84 -17.52
N MET A 154 13.06 17.26 -17.64
CA MET A 154 12.91 15.87 -18.06
C MET A 154 11.97 15.72 -19.28
N PRO A 155 12.41 16.11 -20.52
CA PRO A 155 11.48 16.06 -21.67
C PRO A 155 10.99 14.67 -22.04
N ASN A 156 11.86 13.63 -21.97
CA ASN A 156 11.45 12.27 -22.31
C ASN A 156 10.39 11.74 -21.33
N ILE A 157 10.67 11.87 -20.03
CA ILE A 157 9.76 11.42 -18.97
C ILE A 157 8.45 12.20 -19.03
N GLU A 158 8.53 13.52 -19.29
CA GLU A 158 7.34 14.35 -19.38
C GLU A 158 6.45 13.91 -20.56
N LYS A 159 7.07 13.51 -21.68
CA LYS A 159 6.33 13.03 -22.85
C LYS A 159 5.62 11.70 -22.52
N LEU A 160 6.34 10.75 -21.89
CA LEU A 160 5.74 9.47 -21.46
C LEU A 160 4.51 9.76 -20.58
N ARG A 161 4.69 10.65 -19.59
CA ARG A 161 3.67 11.04 -18.63
C ARG A 161 2.43 11.65 -19.28
N SER A 162 2.62 12.67 -20.13
CA SER A 162 1.47 13.35 -20.73
C SER A 162 0.80 12.57 -21.87
N CYS A 163 1.58 11.75 -22.62
N CYS A 163 1.49 11.66 -22.55
CA CYS A 163 1.11 10.95 -23.77
CA CYS A 163 0.78 11.00 -23.64
C CYS A 163 0.45 9.62 -23.36
C CYS A 163 0.39 9.57 -23.34
N GLY A 164 0.93 9.03 -22.26
CA GLY A 164 0.50 7.73 -21.76
C GLY A 164 -0.54 7.91 -20.67
N THR A 165 -0.56 6.97 -19.74
CA THR A 165 -1.44 6.95 -18.58
C THR A 165 -0.56 7.31 -17.38
N HIS A 166 -1.04 8.24 -16.53
CA HIS A 166 -0.26 8.63 -15.36
C HIS A 166 -1.14 8.88 -14.14
N ALA A 167 -0.59 8.68 -12.94
CA ALA A 167 -1.27 9.06 -11.72
C ALA A 167 -0.54 10.31 -11.20
N PRO A 168 -1.18 11.25 -10.48
CA PRO A 168 -0.43 12.40 -9.92
C PRO A 168 0.66 11.93 -8.94
N TYR A 169 0.42 10.77 -8.31
CA TYR A 169 1.35 10.10 -7.40
C TYR A 169 0.91 8.67 -7.12
N MET A 170 1.87 7.83 -6.73
CA MET A 170 1.61 6.45 -6.35
C MET A 170 2.02 6.30 -4.90
N ARG A 171 1.19 5.64 -4.10
CA ARG A 171 1.47 5.42 -2.69
C ARG A 171 2.39 4.21 -2.50
N PRO A 172 3.55 4.41 -1.86
CA PRO A 172 4.44 3.26 -1.59
C PRO A 172 3.95 2.49 -0.36
N VAL A 173 4.66 1.43 0.05
CA VAL A 173 4.33 0.71 1.29
C VAL A 173 5.21 1.25 2.40
N TYR A 174 4.79 1.02 3.65
CA TYR A 174 5.57 1.37 4.83
C TYR A 174 6.45 0.15 5.21
N PRO A 175 7.72 0.32 5.63
CA PRO A 175 8.53 1.55 5.67
C PRO A 175 8.82 1.99 4.24
N THR A 176 8.85 3.31 3.99
CA THR A 176 9.07 3.87 2.65
C THR A 176 10.56 3.81 2.33
N LYS A 177 11.10 2.59 2.25
N LYS A 177 11.11 2.60 2.25
CA LYS A 177 12.49 2.22 2.00
CA LYS A 177 12.49 2.29 1.96
C LYS A 177 12.57 1.38 0.73
C LYS A 177 12.58 1.38 0.74
N THR A 178 13.78 1.29 0.14
CA THR A 178 14.07 0.57 -1.10
C THR A 178 13.70 -0.92 -1.12
N PHE A 179 14.35 -1.76 -0.30
CA PHE A 179 14.11 -3.20 -0.36
C PHE A 179 12.64 -3.56 -0.06
N PRO A 180 11.97 -3.00 0.96
CA PRO A 180 10.54 -3.31 1.12
C PRO A 180 9.69 -2.91 -0.09
N ASN A 181 9.94 -1.72 -0.67
CA ASN A 181 9.14 -1.25 -1.80
C ASN A 181 9.43 -1.94 -3.13
N LEU A 182 10.72 -2.19 -3.46
CA LEU A 182 11.04 -2.90 -4.70
C LEU A 182 10.46 -4.31 -4.66
N TYR A 183 10.59 -5.01 -3.50
CA TYR A 183 10.05 -6.36 -3.39
C TYR A 183 8.52 -6.37 -3.40
N THR A 184 7.87 -5.30 -2.87
CA THR A 184 6.42 -5.15 -2.94
C THR A 184 6.02 -5.00 -4.41
N LEU A 185 6.74 -4.16 -5.18
CA LEU A 185 6.45 -4.00 -6.62
C LEU A 185 6.51 -5.36 -7.32
N ALA A 186 7.53 -6.17 -7.00
CA ALA A 186 7.73 -7.48 -7.61
C ALA A 186 6.73 -8.57 -7.20
N THR A 187 6.07 -8.44 -6.01
CA THR A 187 5.21 -9.51 -5.48
C THR A 187 3.73 -9.17 -5.26
N GLY A 188 3.41 -7.88 -5.16
CA GLY A 188 2.06 -7.39 -4.86
C GLY A 188 1.69 -7.63 -3.41
N LEU A 189 2.71 -7.89 -2.57
CA LEU A 189 2.53 -8.20 -1.15
C LEU A 189 2.99 -7.08 -0.22
N TYR A 190 2.35 -7.01 0.95
CA TYR A 190 2.79 -6.11 2.01
C TYR A 190 4.10 -6.69 2.54
N PRO A 191 5.05 -5.82 2.95
CA PRO A 191 6.31 -6.32 3.56
C PRO A 191 6.12 -7.36 4.66
N GLU A 192 5.09 -7.22 5.51
CA GLU A 192 4.86 -8.20 6.59
C GLU A 192 4.63 -9.62 6.03
N SER A 193 4.11 -9.71 4.77
CA SER A 193 3.87 -10.98 4.10
C SER A 193 5.07 -11.44 3.24
N HIS A 194 5.73 -10.52 2.49
CA HIS A 194 6.89 -10.95 1.68
C HIS A 194 8.19 -11.13 2.52
N GLY A 195 8.20 -10.57 3.72
CA GLY A 195 9.29 -10.74 4.66
C GLY A 195 10.39 -9.70 4.67
N ILE A 196 10.42 -8.80 3.65
CA ILE A 196 11.43 -7.74 3.59
C ILE A 196 10.83 -6.53 4.30
N VAL A 197 10.82 -6.57 5.64
CA VAL A 197 10.16 -5.56 6.50
C VAL A 197 11.00 -4.27 6.70
N GLY A 198 12.23 -4.24 6.19
CA GLY A 198 13.08 -3.07 6.28
C GLY A 198 14.33 -3.21 5.43
N ASN A 199 15.16 -2.15 5.40
CA ASN A 199 16.47 -2.22 4.70
C ASN A 199 17.43 -3.06 5.53
N SER A 200 17.18 -3.11 6.84
CA SER A 200 17.90 -3.94 7.80
C SER A 200 16.85 -4.58 8.68
N MET A 201 17.09 -5.83 9.12
N MET A 201 17.05 -5.85 9.08
CA MET A 201 16.16 -6.55 9.99
CA MET A 201 16.11 -6.60 9.94
C MET A 201 16.82 -7.72 10.69
C MET A 201 16.77 -7.77 10.65
N TYR A 202 16.32 -8.05 11.88
CA TYR A 202 16.78 -9.16 12.68
C TYR A 202 15.70 -10.23 12.72
N ASP A 203 16.05 -11.47 12.36
CA ASP A 203 15.10 -12.56 12.44
C ASP A 203 15.47 -13.36 13.70
N PRO A 204 14.60 -13.39 14.74
CA PRO A 204 14.94 -14.11 15.98
C PRO A 204 15.11 -15.62 15.84
N VAL A 205 14.46 -16.25 14.85
CA VAL A 205 14.55 -17.70 14.60
C VAL A 205 15.91 -18.03 13.96
N PHE A 206 16.31 -17.28 12.92
CA PHE A 206 17.60 -17.45 12.25
C PHE A 206 18.76 -16.98 13.14
N ASP A 207 18.49 -16.01 14.06
CA ASP A 207 19.47 -15.31 14.91
C ASP A 207 20.53 -14.70 13.96
N ALA A 208 20.01 -13.99 12.93
CA ALA A 208 20.81 -13.36 11.89
C ALA A 208 20.21 -12.01 11.51
N THR A 209 21.06 -11.10 11.01
CA THR A 209 20.65 -9.75 10.61
C THR A 209 20.89 -9.54 9.12
N PHE A 210 19.84 -9.07 8.42
CA PHE A 210 19.84 -8.69 7.02
C PHE A 210 20.31 -7.25 7.00
N HIS A 211 21.29 -6.91 6.13
CA HIS A 211 21.81 -5.55 5.98
C HIS A 211 21.85 -5.18 4.50
N LEU A 212 21.90 -3.86 4.22
CA LEU A 212 22.02 -3.33 2.86
C LEU A 212 23.34 -3.81 2.23
N ARG A 213 24.42 -3.81 3.02
CA ARG A 213 25.75 -4.25 2.61
C ARG A 213 26.04 -5.61 3.27
N GLY A 214 26.73 -6.48 2.54
CA GLY A 214 27.07 -7.80 3.03
C GLY A 214 26.39 -8.93 2.28
N ARG A 215 26.71 -10.16 2.67
CA ARG A 215 26.24 -11.39 2.04
C ARG A 215 24.92 -11.95 2.57
N GLU A 216 24.54 -11.61 3.82
CA GLU A 216 23.32 -12.14 4.44
C GLU A 216 22.08 -11.94 3.56
N LYS A 217 21.94 -10.77 2.89
CA LYS A 217 20.79 -10.46 2.02
C LYS A 217 20.64 -11.41 0.82
N PHE A 218 21.76 -12.01 0.35
CA PHE A 218 21.74 -12.93 -0.78
C PHE A 218 21.13 -14.32 -0.44
N ASN A 219 20.99 -14.65 0.87
N ASN A 219 21.00 -14.65 0.87
CA ASN A 219 20.38 -15.91 1.31
CA ASN A 219 20.40 -15.90 1.30
C ASN A 219 18.89 -15.88 0.99
C ASN A 219 18.89 -15.89 1.02
N HIS A 220 18.42 -16.91 0.27
CA HIS A 220 17.02 -17.08 -0.16
C HIS A 220 15.99 -17.10 0.98
N ARG A 221 16.39 -17.51 2.20
CA ARG A 221 15.52 -17.64 3.38
C ARG A 221 14.74 -16.35 3.76
N TRP A 222 15.26 -15.17 3.41
CA TRP A 222 14.63 -13.88 3.72
C TRP A 222 13.45 -13.51 2.82
N TRP A 223 13.53 -13.92 1.55
CA TRP A 223 12.63 -13.57 0.45
C TRP A 223 11.45 -14.52 0.27
N GLY A 224 10.28 -14.07 0.74
CA GLY A 224 9.03 -14.82 0.66
C GLY A 224 8.19 -14.42 -0.54
N GLY A 225 6.99 -14.99 -0.64
CA GLY A 225 6.06 -14.74 -1.74
C GLY A 225 6.57 -15.23 -3.08
N GLN A 226 6.00 -14.71 -4.17
CA GLN A 226 6.42 -15.12 -5.50
C GLN A 226 6.64 -13.90 -6.42
N PRO A 227 7.91 -13.51 -6.62
CA PRO A 227 8.19 -12.34 -7.48
C PRO A 227 7.86 -12.57 -8.94
N LEU A 228 7.58 -11.46 -9.67
CA LEU A 228 7.15 -11.47 -11.08
C LEU A 228 7.99 -12.39 -11.98
N TRP A 229 9.33 -12.38 -11.84
CA TRP A 229 10.22 -13.22 -12.65
C TRP A 229 10.01 -14.73 -12.41
N ILE A 230 9.62 -15.14 -11.18
CA ILE A 230 9.30 -16.53 -10.86
C ILE A 230 7.92 -16.86 -11.44
N THR A 231 6.92 -15.96 -11.26
CA THR A 231 5.57 -16.11 -11.82
C THR A 231 5.66 -16.32 -13.33
N ALA A 232 6.53 -15.54 -14.00
CA ALA A 232 6.79 -15.62 -15.44
C ALA A 232 7.36 -17.00 -15.86
N THR A 233 8.51 -17.41 -15.28
N THR A 233 8.52 -17.41 -15.28
CA THR A 233 9.20 -18.68 -15.58
CA THR A 233 9.19 -18.69 -15.60
C THR A 233 8.31 -19.92 -15.32
C THR A 233 8.32 -19.92 -15.33
N LYS A 234 7.54 -19.92 -14.22
CA LYS A 234 6.63 -21.02 -13.86
C LYS A 234 5.50 -21.23 -14.87
N GLN A 235 5.12 -20.16 -15.61
CA GLN A 235 4.08 -20.17 -16.62
C GLN A 235 4.63 -20.11 -18.07
N GLY A 236 5.91 -20.45 -18.23
CA GLY A 236 6.60 -20.51 -19.52
C GLY A 236 6.83 -19.18 -20.22
N VAL A 237 7.11 -18.12 -19.44
CA VAL A 237 7.38 -16.76 -19.95
C VAL A 237 8.81 -16.39 -19.48
N ARG A 238 9.67 -15.97 -20.42
CA ARG A 238 11.06 -15.61 -20.10
C ARG A 238 11.19 -14.18 -19.58
N ALA A 239 12.01 -14.02 -18.54
CA ALA A 239 12.27 -12.73 -17.89
C ALA A 239 13.72 -12.32 -17.97
N GLY A 240 13.94 -11.03 -18.15
CA GLY A 240 15.26 -10.41 -18.10
C GLY A 240 15.62 -10.22 -16.64
N THR A 241 16.82 -9.72 -16.34
CA THR A 241 17.26 -9.51 -14.95
C THR A 241 16.47 -8.42 -14.22
N PHE A 242 16.32 -8.59 -12.91
CA PHE A 242 15.66 -7.62 -12.03
C PHE A 242 16.68 -7.18 -10.97
N PHE A 243 17.98 -7.30 -11.31
CA PHE A 243 19.08 -6.90 -10.44
C PHE A 243 20.23 -6.47 -11.31
N TRP A 244 20.65 -5.23 -11.13
CA TRP A 244 21.77 -4.68 -11.86
C TRP A 244 22.89 -4.34 -10.90
N SER A 245 24.09 -4.84 -11.19
N SER A 245 24.10 -4.82 -11.19
CA SER A 245 25.31 -4.59 -10.43
CA SER A 245 25.31 -4.54 -10.41
C SER A 245 25.68 -3.11 -10.55
C SER A 245 25.66 -3.07 -10.60
N VAL A 246 26.09 -2.49 -9.43
N VAL A 246 26.03 -2.39 -9.49
CA VAL A 246 26.49 -1.08 -9.32
CA VAL A 246 26.38 -0.96 -9.47
C VAL A 246 27.53 -0.66 -10.38
C VAL A 246 27.53 -0.62 -10.45
N SER A 247 28.44 -1.59 -10.73
CA SER A 247 29.55 -1.38 -11.68
C SER A 247 29.12 -1.36 -13.14
N ILE A 248 27.89 -1.81 -13.45
CA ILE A 248 27.37 -1.82 -14.82
C ILE A 248 26.73 -0.44 -15.09
N PRO A 249 27.33 0.41 -15.97
CA PRO A 249 26.74 1.74 -16.20
C PRO A 249 25.38 1.67 -16.89
N HIS A 250 24.56 2.70 -16.66
CA HIS A 250 23.19 2.79 -17.20
C HIS A 250 23.13 2.60 -18.71
N GLU A 251 24.10 3.17 -19.45
CA GLU A 251 24.16 3.06 -20.91
C GLU A 251 24.29 1.58 -21.32
N ARG A 252 25.05 0.80 -20.53
CA ARG A 252 25.24 -0.63 -20.78
C ARG A 252 23.97 -1.41 -20.43
N ARG A 253 23.22 -0.99 -19.38
CA ARG A 253 21.95 -1.61 -18.98
C ARG A 253 20.94 -1.47 -20.13
N ILE A 254 20.85 -0.26 -20.70
CA ILE A 254 19.96 0.02 -21.83
C ILE A 254 20.36 -0.80 -23.08
N LEU A 255 21.66 -0.80 -23.44
CA LEU A 255 22.12 -1.57 -24.61
C LEU A 255 21.86 -3.06 -24.45
N THR A 256 22.03 -3.61 -23.21
CA THR A 256 21.79 -5.02 -22.91
C THR A 256 20.31 -5.36 -23.14
N ILE A 257 19.38 -4.52 -22.61
CA ILE A 257 17.94 -4.69 -22.79
C ILE A 257 17.58 -4.71 -24.28
N LEU A 258 18.15 -3.77 -25.04
CA LEU A 258 17.93 -3.67 -26.49
C LEU A 258 18.47 -4.88 -27.24
N GLN A 259 19.62 -5.43 -26.79
CA GLN A 259 20.23 -6.64 -27.36
C GLN A 259 19.34 -7.84 -27.11
N TRP A 260 18.83 -7.99 -25.86
CA TRP A 260 17.92 -9.08 -25.48
C TRP A 260 16.63 -9.03 -26.30
N LEU A 261 16.11 -7.80 -26.56
CA LEU A 261 14.91 -7.58 -27.37
C LEU A 261 15.13 -7.97 -28.83
N SER A 262 16.41 -8.10 -29.24
CA SER A 262 16.80 -8.45 -30.62
C SER A 262 17.12 -9.94 -30.77
N LEU A 263 16.98 -10.73 -29.69
CA LEU A 263 17.24 -12.17 -29.72
C LEU A 263 16.17 -12.90 -30.56
N PRO A 264 16.42 -14.14 -31.05
CA PRO A 264 15.35 -14.87 -31.77
C PRO A 264 14.14 -15.11 -30.87
N ASP A 265 12.97 -15.31 -31.49
CA ASP A 265 11.68 -15.54 -30.85
C ASP A 265 11.71 -16.56 -29.69
N ASN A 266 12.42 -17.70 -29.87
CA ASN A 266 12.49 -18.74 -28.84
C ASN A 266 13.42 -18.39 -27.65
N GLU A 267 14.22 -17.32 -27.76
CA GLU A 267 15.15 -16.92 -26.69
C GLU A 267 14.80 -15.60 -26.02
N ARG A 268 14.13 -14.71 -26.76
CA ARG A 268 13.77 -13.35 -26.33
C ARG A 268 12.87 -13.28 -25.09
N PRO A 269 13.32 -12.58 -24.01
CA PRO A 269 12.44 -12.40 -22.84
C PRO A 269 11.21 -11.52 -23.16
N SER A 270 10.14 -11.69 -22.38
CA SER A 270 8.89 -10.93 -22.51
C SER A 270 8.86 -9.76 -21.53
N VAL A 271 9.60 -9.88 -20.42
CA VAL A 271 9.64 -8.84 -19.40
C VAL A 271 11.09 -8.45 -19.09
N TYR A 272 11.31 -7.13 -18.88
CA TYR A 272 12.61 -6.53 -18.64
C TYR A 272 12.49 -5.53 -17.52
N ALA A 273 13.59 -5.34 -16.81
CA ALA A 273 13.64 -4.35 -15.75
C ALA A 273 14.92 -3.54 -15.85
N PHE A 274 14.80 -2.24 -15.70
CA PHE A 274 15.91 -1.32 -15.61
C PHE A 274 15.79 -0.73 -14.21
N TYR A 275 16.94 -0.41 -13.62
CA TYR A 275 16.97 0.19 -12.30
C TYR A 275 18.00 1.30 -12.29
N SER A 276 17.66 2.40 -11.63
CA SER A 276 18.56 3.54 -11.44
C SER A 276 18.61 3.86 -9.96
N GLU A 277 19.83 4.00 -9.42
CA GLU A 277 20.13 4.38 -8.03
C GLU A 277 19.76 5.86 -7.82
N GLN A 278 19.66 6.61 -8.94
CA GLN A 278 19.29 8.02 -8.96
C GLN A 278 17.78 8.18 -9.24
N PRO A 279 17.09 9.23 -8.72
CA PRO A 279 17.61 10.39 -7.96
C PRO A 279 17.80 10.20 -6.45
N ASP A 280 17.63 8.97 -5.92
CA ASP A 280 17.79 8.67 -4.48
C ASP A 280 19.19 9.06 -3.96
N PHE A 281 20.25 8.68 -4.68
CA PHE A 281 21.64 8.95 -4.25
C PHE A 281 21.88 10.45 -3.98
N SER A 282 21.53 11.32 -4.95
CA SER A 282 21.71 12.77 -4.78
C SER A 282 20.69 13.35 -3.81
N GLY A 283 19.52 12.72 -3.72
CA GLY A 283 18.46 13.12 -2.78
C GLY A 283 18.93 13.07 -1.35
N HIS A 284 19.67 12.01 -0.98
CA HIS A 284 20.25 11.86 0.38
C HIS A 284 21.34 12.90 0.60
N LYS A 285 22.17 13.14 -0.41
CA LYS A 285 23.27 14.10 -0.30
C LYS A 285 22.81 15.54 -0.17
N TYR A 286 21.83 15.96 -0.99
CA TYR A 286 21.45 17.36 -1.06
C TYR A 286 20.02 17.71 -0.66
N GLY A 287 19.18 16.72 -0.38
CA GLY A 287 17.79 16.98 -0.04
C GLY A 287 16.94 17.10 -1.30
N PRO A 288 15.59 16.94 -1.21
CA PRO A 288 14.77 17.00 -2.45
C PRO A 288 14.67 18.37 -3.11
N PHE A 289 14.87 19.46 -2.34
CA PHE A 289 14.78 20.83 -2.87
C PHE A 289 16.14 21.43 -3.28
N GLY A 290 17.20 20.66 -3.09
CA GLY A 290 18.55 21.08 -3.43
C GLY A 290 18.73 21.44 -4.90
N PRO A 291 19.45 22.56 -5.22
CA PRO A 291 19.67 22.89 -6.64
C PRO A 291 20.51 21.83 -7.36
N GLU A 292 21.24 21.01 -6.59
CA GLU A 292 22.07 19.91 -7.07
C GLU A 292 21.21 18.71 -7.58
N MET A 293 19.86 18.80 -7.45
CA MET A 293 18.95 17.75 -7.93
C MET A 293 18.66 17.84 -9.42
N THR A 294 18.83 19.03 -10.02
CA THR A 294 18.52 19.25 -11.44
C THR A 294 19.34 18.32 -12.36
N ASN A 295 20.69 18.35 -12.27
CA ASN A 295 21.57 17.52 -13.12
C ASN A 295 21.27 16.00 -13.01
N PRO A 296 21.12 15.37 -11.81
CA PRO A 296 20.74 13.94 -11.77
C PRO A 296 19.41 13.63 -12.47
N LEU A 297 18.43 14.54 -12.39
CA LEU A 297 17.14 14.31 -13.06
C LEU A 297 17.30 14.46 -14.58
N ARG A 298 18.16 15.39 -15.03
CA ARG A 298 18.45 15.54 -16.46
C ARG A 298 19.14 14.25 -16.96
N GLU A 299 20.03 13.65 -16.13
CA GLU A 299 20.78 12.43 -16.49
C GLU A 299 19.86 11.21 -16.63
N ILE A 300 18.89 11.04 -15.72
N ILE A 300 18.90 11.04 -15.72
CA ILE A 300 17.90 9.95 -15.80
CA ILE A 300 17.97 9.91 -15.83
C ILE A 300 17.07 10.13 -17.07
C ILE A 300 17.04 10.12 -17.05
N ASP A 301 16.68 11.39 -17.37
CA ASP A 301 15.88 11.69 -18.56
C ASP A 301 16.64 11.33 -19.84
N LYS A 302 17.96 11.59 -19.87
CA LYS A 302 18.84 11.22 -20.99
C LYS A 302 18.80 9.69 -21.18
N THR A 303 18.80 8.91 -20.08
CA THR A 303 18.73 7.44 -20.12
C THR A 303 17.40 6.99 -20.73
N VAL A 304 16.29 7.64 -20.32
CA VAL A 304 14.96 7.34 -20.88
C VAL A 304 14.99 7.62 -22.40
N GLY A 305 15.60 8.74 -22.80
CA GLY A 305 15.78 9.13 -24.20
C GLY A 305 16.53 8.11 -25.02
N GLN A 306 17.58 7.52 -24.43
CA GLN A 306 18.39 6.49 -25.10
C GLN A 306 17.55 5.24 -25.32
N LEU A 307 16.79 4.82 -24.29
CA LEU A 307 15.89 3.67 -24.40
C LEU A 307 14.84 3.91 -25.48
N MET A 308 14.16 5.08 -25.48
CA MET A 308 13.12 5.36 -26.48
C MET A 308 13.68 5.46 -27.90
N ASP A 309 14.85 6.11 -28.09
CA ASP A 309 15.50 6.17 -29.41
C ASP A 309 15.92 4.76 -29.86
N GLY A 310 16.45 3.97 -28.92
CA GLY A 310 16.89 2.60 -29.13
C GLY A 310 15.73 1.72 -29.56
N LEU A 311 14.56 1.88 -28.90
CA LEU A 311 13.36 1.13 -29.25
C LEU A 311 12.85 1.58 -30.62
N LYS A 312 12.86 2.91 -30.87
CA LYS A 312 12.36 3.45 -32.14
C LYS A 312 13.10 2.88 -33.35
N GLN A 313 14.45 2.88 -33.30
CA GLN A 313 15.23 2.36 -34.42
C GLN A 313 15.06 0.85 -34.64
N LEU A 314 14.67 0.08 -33.59
CA LEU A 314 14.36 -1.35 -33.69
C LEU A 314 12.88 -1.60 -34.00
N LYS A 315 12.12 -0.50 -34.29
CA LYS A 315 10.68 -0.55 -34.61
C LYS A 315 9.86 -1.14 -33.45
N LEU A 316 10.22 -0.78 -32.21
CA LEU A 316 9.58 -1.28 -30.99
C LEU A 316 8.93 -0.19 -30.12
N HIS A 317 9.09 1.10 -30.49
CA HIS A 317 8.57 2.25 -29.74
C HIS A 317 7.03 2.31 -29.67
N ARG A 318 6.34 1.58 -30.58
CA ARG A 318 4.86 1.49 -30.61
C ARG A 318 4.45 0.03 -30.39
N CYS A 319 5.40 -0.77 -29.86
CA CYS A 319 5.22 -2.19 -29.58
C CYS A 319 5.22 -2.48 -28.09
N VAL A 320 6.27 -2.03 -27.38
CA VAL A 320 6.45 -2.31 -25.96
C VAL A 320 5.60 -1.45 -25.03
N ASN A 321 5.28 -2.00 -23.86
CA ASN A 321 4.64 -1.25 -22.79
C ASN A 321 5.77 -0.89 -21.83
N VAL A 322 5.87 0.39 -21.49
CA VAL A 322 6.86 0.91 -20.55
C VAL A 322 6.15 1.38 -19.30
N ILE A 323 6.66 0.93 -18.15
CA ILE A 323 6.19 1.36 -16.85
C ILE A 323 7.35 2.16 -16.24
N PHE A 324 7.15 3.46 -16.01
CA PHE A 324 8.15 4.32 -15.36
C PHE A 324 7.63 4.45 -13.94
N VAL A 325 8.35 3.86 -12.99
CA VAL A 325 7.88 3.74 -11.61
C VAL A 325 8.98 3.99 -10.57
N GLY A 326 8.61 4.63 -9.47
CA GLY A 326 9.52 4.86 -8.35
C GLY A 326 9.20 3.92 -7.20
N ASP A 327 10.16 3.76 -6.27
CA ASP A 327 9.96 2.93 -5.08
C ASP A 327 9.43 3.77 -3.88
N HIS A 328 9.85 5.04 -3.77
CA HIS A 328 9.44 5.95 -2.68
C HIS A 328 9.95 7.34 -3.01
N GLY A 329 9.52 8.32 -2.22
CA GLY A 329 9.92 9.70 -2.37
C GLY A 329 11.17 10.05 -1.58
N MET A 330 11.28 11.34 -1.23
CA MET A 330 12.45 11.89 -0.52
C MET A 330 12.03 13.11 0.28
N GLU A 331 12.47 13.17 1.53
CA GLU A 331 12.16 14.27 2.45
C GLU A 331 13.41 15.01 2.85
N ASP A 332 13.24 16.27 3.23
CA ASP A 332 14.29 17.15 3.75
C ASP A 332 14.56 16.66 5.19
N VAL A 333 15.70 15.96 5.42
CA VAL A 333 16.04 15.39 6.74
C VAL A 333 17.49 15.73 7.05
N THR A 334 17.79 16.22 8.26
CA THR A 334 19.15 16.63 8.65
C THR A 334 19.58 16.02 9.98
N CYS A 335 20.92 15.96 10.24
CA CYS A 335 21.51 15.49 11.51
C CYS A 335 20.95 16.25 12.70
N ASP A 336 20.80 17.58 12.55
CA ASP A 336 20.30 18.48 13.61
C ASP A 336 18.90 18.08 14.07
N ARG A 337 18.10 17.49 13.16
CA ARG A 337 16.75 17.08 13.49
C ARG A 337 16.71 15.60 13.91
N THR A 338 17.35 15.31 15.05
CA THR A 338 17.39 13.97 15.60
C THR A 338 16.93 13.97 17.05
N GLU A 339 15.99 13.07 17.37
CA GLU A 339 15.50 12.83 18.72
C GLU A 339 16.36 11.71 19.30
N PHE A 340 16.81 11.87 20.54
CA PHE A 340 17.66 10.86 21.16
C PHE A 340 16.93 10.15 22.29
N LEU A 341 16.90 8.80 22.22
CA LEU A 341 16.28 7.97 23.26
C LEU A 341 16.93 8.16 24.62
N SER A 342 18.23 8.56 24.64
CA SER A 342 18.99 8.86 25.85
C SER A 342 18.40 10.07 26.63
N ASN A 343 17.55 10.90 25.98
CA ASN A 343 16.88 12.01 26.65
C ASN A 343 15.57 11.57 27.32
N TYR A 344 15.13 10.33 27.07
CA TYR A 344 13.88 9.77 27.59
C TYR A 344 14.06 8.56 28.49
N LEU A 345 15.09 7.75 28.20
CA LEU A 345 15.37 6.48 28.88
C LEU A 345 16.68 6.53 29.64
N THR A 346 16.70 5.92 30.83
CA THR A 346 17.87 5.85 31.70
C THR A 346 18.98 4.97 31.10
N ASN A 347 18.63 3.76 30.61
CA ASN A 347 19.65 2.87 30.05
C ASN A 347 19.33 2.43 28.61
N VAL A 348 19.98 3.12 27.65
CA VAL A 348 19.85 2.85 26.22
C VAL A 348 20.85 1.78 25.76
N ASP A 349 21.83 1.42 26.63
CA ASP A 349 22.83 0.39 26.36
C ASP A 349 22.22 -1.02 26.43
N ASP A 350 21.04 -1.16 27.09
CA ASP A 350 20.32 -2.42 27.23
C ASP A 350 19.39 -2.70 26.04
N ILE A 351 19.26 -1.74 25.12
CA ILE A 351 18.38 -1.89 23.95
C ILE A 351 19.12 -1.74 22.63
N THR A 352 18.58 -2.40 21.60
CA THR A 352 19.03 -2.30 20.22
C THR A 352 17.93 -1.50 19.52
N LEU A 353 18.32 -0.51 18.71
CA LEU A 353 17.38 0.33 17.97
C LEU A 353 17.69 0.32 16.48
N VAL A 354 16.67 0.02 15.67
CA VAL A 354 16.77 0.17 14.22
C VAL A 354 16.42 1.67 14.10
N PRO A 355 17.40 2.56 13.75
CA PRO A 355 17.14 4.01 13.83
C PRO A 355 16.76 4.71 12.53
N GLY A 356 16.73 6.04 12.57
CA GLY A 356 16.47 6.88 11.41
C GLY A 356 15.06 7.41 11.29
N THR A 357 14.45 7.20 10.12
CA THR A 357 13.10 7.66 9.77
C THR A 357 11.98 6.79 10.39
N LEU A 358 12.37 5.76 11.13
CA LEU A 358 11.50 4.87 11.91
C LEU A 358 12.33 4.33 13.06
N GLY A 359 11.65 3.82 14.07
CA GLY A 359 12.30 3.22 15.22
C GLY A 359 11.73 1.84 15.48
N ARG A 360 12.60 0.85 15.68
CA ARG A 360 12.21 -0.51 16.06
C ARG A 360 13.14 -0.87 17.21
N ILE A 361 12.57 -1.15 18.39
CA ILE A 361 13.32 -1.44 19.60
C ILE A 361 13.15 -2.88 20.04
N ARG A 362 14.25 -3.49 20.50
CA ARG A 362 14.25 -4.83 21.08
C ARG A 362 15.37 -4.90 22.13
N PRO A 363 15.36 -5.83 23.11
CA PRO A 363 16.49 -5.89 24.07
C PRO A 363 17.82 -6.20 23.37
N LYS A 364 18.95 -5.69 23.89
CA LYS A 364 20.28 -5.94 23.29
C LYS A 364 20.59 -7.44 23.31
N ILE A 365 20.20 -8.13 24.41
CA ILE A 365 20.33 -9.59 24.55
C ILE A 365 18.98 -10.15 24.06
N PRO A 366 18.99 -10.90 22.91
CA PRO A 366 17.73 -11.38 22.28
C PRO A 366 16.54 -11.81 23.15
N ASN A 367 16.76 -12.53 24.27
CA ASN A 367 15.60 -12.96 25.08
C ASN A 367 15.78 -12.62 26.57
N ASN A 368 16.15 -11.36 26.86
CA ASN A 368 16.37 -10.87 28.22
C ASN A 368 15.06 -10.72 29.00
N LEU A 369 14.99 -11.38 30.17
CA LEU A 369 13.83 -11.38 31.05
C LEU A 369 13.58 -10.02 31.72
N LYS A 370 14.65 -9.21 31.91
CA LYS A 370 14.57 -7.89 32.55
C LYS A 370 14.05 -6.79 31.59
N TYR A 371 13.89 -7.10 30.27
CA TYR A 371 13.38 -6.17 29.26
C TYR A 371 11.92 -5.84 29.58
N ASP A 372 11.68 -4.56 29.92
CA ASP A 372 10.39 -4.03 30.31
C ASP A 372 9.86 -3.07 29.22
N PRO A 373 9.14 -3.57 28.18
CA PRO A 373 8.63 -2.67 27.14
C PRO A 373 7.59 -1.67 27.68
N LYS A 374 6.77 -2.06 28.69
CA LYS A 374 5.77 -1.19 29.32
C LYS A 374 6.40 0.08 29.93
N ALA A 375 7.51 -0.08 30.69
CA ALA A 375 8.23 1.05 31.31
C ALA A 375 8.88 1.91 30.24
N ILE A 376 9.42 1.28 29.17
CA ILE A 376 10.04 2.00 28.05
C ILE A 376 9.01 2.87 27.32
N ILE A 377 7.84 2.30 26.93
CA ILE A 377 6.76 3.05 26.24
C ILE A 377 6.28 4.22 27.09
N ALA A 378 6.07 4.00 28.41
CA ALA A 378 5.64 5.04 29.34
C ALA A 378 6.59 6.25 29.31
N ASN A 379 7.91 5.98 29.26
CA ASN A 379 8.93 7.02 29.20
C ASN A 379 9.04 7.72 27.83
N LEU A 380 8.43 7.12 26.81
CA LEU A 380 8.44 7.66 25.45
C LEU A 380 7.12 8.31 25.06
N THR A 381 6.12 8.29 25.96
CA THR A 381 4.78 8.78 25.69
C THR A 381 4.57 10.21 26.16
N CYS A 382 4.29 11.12 25.20
CA CYS A 382 3.94 12.54 25.41
C CYS A 382 4.83 13.22 26.46
N LYS A 383 6.16 13.05 26.37
CA LYS A 383 7.08 13.59 27.37
C LYS A 383 7.61 14.99 27.08
N LYS A 384 7.62 15.39 25.79
CA LYS A 384 8.08 16.70 25.34
C LYS A 384 6.93 17.31 24.51
N PRO A 385 6.59 18.62 24.67
CA PRO A 385 5.43 19.17 23.94
C PRO A 385 5.49 19.06 22.40
N ASP A 386 6.67 19.22 21.81
CA ASP A 386 6.79 19.12 20.35
C ASP A 386 7.53 17.83 19.91
N GLN A 387 7.39 16.75 20.71
CA GLN A 387 7.99 15.42 20.48
C GLN A 387 7.83 14.99 19.02
N HIS A 388 8.95 14.67 18.36
CA HIS A 388 8.97 14.37 16.92
C HIS A 388 8.90 12.86 16.58
N PHE A 389 8.27 12.08 17.46
CA PHE A 389 7.97 10.65 17.28
C PHE A 389 6.86 10.27 18.22
N LYS A 390 6.22 9.12 17.95
CA LYS A 390 5.17 8.56 18.79
C LYS A 390 5.40 7.04 18.93
N PRO A 391 5.50 6.52 20.17
CA PRO A 391 5.68 5.07 20.35
C PRO A 391 4.38 4.30 20.19
N TYR A 392 4.49 3.10 19.64
CA TYR A 392 3.36 2.20 19.45
C TYR A 392 3.85 0.76 19.62
N MET A 393 3.04 -0.07 20.26
CA MET A 393 3.25 -1.50 20.23
C MET A 393 2.71 -1.78 18.83
N LYS A 394 3.38 -2.63 18.01
CA LYS A 394 3.05 -2.84 16.59
C LYS A 394 1.56 -3.12 16.32
N GLN A 395 0.86 -3.84 17.21
CA GLN A 395 -0.57 -4.13 17.05
C GLN A 395 -1.44 -2.84 17.12
N HIS A 396 -0.90 -1.75 17.73
CA HIS A 396 -1.59 -0.46 17.84
C HIS A 396 -1.30 0.49 16.67
N LEU A 397 -0.35 0.13 15.79
CA LEU A 397 -0.07 0.97 14.62
C LEU A 397 -1.34 1.06 13.74
N PRO A 398 -1.58 2.20 13.03
CA PRO A 398 -2.75 2.27 12.12
C PRO A 398 -2.79 1.04 11.20
N LYS A 399 -3.98 0.43 11.07
CA LYS A 399 -4.16 -0.80 10.29
C LYS A 399 -3.79 -0.63 8.80
N ARG A 400 -3.97 0.58 8.26
CA ARG A 400 -3.60 0.91 6.86
C ARG A 400 -2.10 0.64 6.58
N LEU A 401 -1.23 0.64 7.62
CA LEU A 401 0.20 0.39 7.40
C LEU A 401 0.46 -1.10 7.18
N HIS A 402 -0.46 -1.98 7.66
CA HIS A 402 -0.34 -3.46 7.58
C HIS A 402 1.08 -3.88 7.99
N TYR A 403 1.57 -3.32 9.11
CA TYR A 403 2.95 -3.55 9.53
C TYR A 403 3.05 -4.17 10.91
N ALA A 404 2.77 -5.48 11.01
CA ALA A 404 2.81 -6.17 12.32
C ALA A 404 2.99 -7.68 12.25
N ASN A 405 2.36 -8.34 11.27
CA ASN A 405 2.36 -9.79 11.20
C ASN A 405 3.65 -10.41 10.64
N ASN A 406 4.74 -10.25 11.38
CA ASN A 406 6.02 -10.84 11.02
C ASN A 406 6.94 -10.83 12.23
N ARG A 407 7.63 -11.95 12.48
CA ARG A 407 8.58 -12.12 13.60
C ARG A 407 9.76 -11.14 13.49
N ARG A 408 10.00 -10.61 12.28
CA ARG A 408 11.07 -9.64 12.00
C ARG A 408 10.68 -8.21 12.41
N ILE A 409 9.40 -7.97 12.71
CA ILE A 409 8.93 -6.65 13.14
C ILE A 409 8.90 -6.65 14.66
N GLU A 410 9.79 -5.86 15.28
CA GLU A 410 9.88 -5.74 16.74
C GLU A 410 8.55 -5.25 17.31
N ASP A 411 8.20 -5.73 18.53
CA ASP A 411 6.95 -5.35 19.19
C ASP A 411 6.85 -3.85 19.39
N LEU A 412 7.97 -3.21 19.77
CA LEU A 412 7.98 -1.77 20.03
C LEU A 412 8.41 -0.99 18.77
N HIS A 413 7.53 -0.11 18.31
CA HIS A 413 7.77 0.71 17.12
C HIS A 413 7.71 2.20 17.46
N LEU A 414 8.43 3.02 16.68
CA LEU A 414 8.36 4.47 16.80
C LEU A 414 8.03 5.04 15.42
N LEU A 415 6.86 5.69 15.28
CA LEU A 415 6.48 6.38 14.04
C LEU A 415 7.12 7.75 14.16
N VAL A 416 8.07 8.03 13.26
CA VAL A 416 8.81 9.31 13.30
C VAL A 416 8.13 10.38 12.47
N GLU A 417 8.11 11.62 12.98
CA GLU A 417 7.52 12.76 12.28
C GLU A 417 8.39 13.04 11.05
N ARG A 418 7.76 13.44 9.94
N ARG A 418 7.75 13.40 9.91
CA ARG A 418 8.46 13.80 8.70
CA ARG A 418 8.47 13.73 8.67
C ARG A 418 9.50 14.88 8.98
C ARG A 418 9.48 14.86 8.94
N ARG A 419 10.68 14.82 8.31
N ARG A 419 10.68 14.78 8.30
CA ARG A 419 11.82 15.75 8.44
CA ARG A 419 11.81 15.73 8.43
C ARG A 419 12.75 15.41 9.61
C ARG A 419 12.74 15.40 9.61
N TRP A 420 12.36 14.42 10.45
CA TRP A 420 13.12 14.03 11.63
C TRP A 420 13.72 12.64 11.60
N HIS A 421 14.67 12.41 12.50
CA HIS A 421 15.32 11.14 12.75
C HIS A 421 15.19 10.82 14.23
N VAL A 422 15.30 9.53 14.56
CA VAL A 422 15.40 9.04 15.93
C VAL A 422 16.73 8.26 16.03
N ALA A 423 17.46 8.44 17.13
CA ALA A 423 18.73 7.75 17.38
C ALA A 423 18.78 7.35 18.85
N ARG A 424 19.64 6.38 19.20
CA ARG A 424 19.72 5.88 20.56
C ARG A 424 20.33 6.91 21.51
N LYS A 425 21.47 7.52 21.10
CA LYS A 425 22.26 8.50 21.85
C LYS A 425 23.09 9.41 20.91
N PRO A 426 23.54 10.63 21.36
CA PRO A 426 24.29 11.52 20.47
C PRO A 426 25.54 10.95 19.79
N LEU A 427 26.22 9.97 20.41
CA LEU A 427 27.43 9.33 19.86
C LEU A 427 27.13 8.62 18.53
N ASP A 428 25.93 8.00 18.41
CA ASP A 428 25.45 7.29 17.22
C ASP A 428 25.14 8.28 16.10
N LYS A 436 30.46 18.56 9.24
CA LYS A 436 29.18 18.52 8.53
C LYS A 436 28.52 17.14 8.53
N CYS A 437 27.18 17.13 8.42
CA CYS A 437 26.34 15.93 8.37
C CYS A 437 26.57 15.23 7.03
N PHE A 438 26.45 13.90 7.00
CA PHE A 438 26.64 13.14 5.76
C PHE A 438 25.47 13.28 4.79
N PHE A 439 24.28 13.66 5.29
CA PHE A 439 23.05 13.74 4.50
C PHE A 439 22.21 15.02 4.69
N GLN A 440 21.34 15.30 3.70
CA GLN A 440 20.39 16.42 3.69
C GLN A 440 18.97 15.92 3.31
N GLY A 441 18.88 14.65 2.94
CA GLY A 441 17.61 14.01 2.61
C GLY A 441 17.50 12.59 3.12
N ASP A 442 16.26 12.12 3.36
CA ASP A 442 15.98 10.74 3.78
C ASP A 442 14.52 10.38 3.56
N HIS A 443 14.22 9.09 3.69
CA HIS A 443 12.88 8.54 3.47
C HIS A 443 12.70 7.34 4.43
N GLY A 444 11.47 6.82 4.55
CA GLY A 444 11.15 5.70 5.44
C GLY A 444 9.89 5.93 6.26
N PHE A 445 9.48 7.21 6.38
CA PHE A 445 8.27 7.65 7.11
C PHE A 445 6.98 7.00 6.63
N ASP A 446 5.91 7.19 7.44
CA ASP A 446 4.53 6.80 7.18
C ASP A 446 4.21 7.00 5.68
N ASN A 447 3.65 5.96 5.02
CA ASN A 447 3.41 6.00 3.57
C ASN A 447 2.29 6.96 3.10
N LYS A 448 1.60 7.66 4.02
CA LYS A 448 0.61 8.66 3.59
C LYS A 448 1.29 10.04 3.43
N VAL A 449 2.52 10.22 3.97
CA VAL A 449 3.27 11.48 3.94
C VAL A 449 3.54 11.92 2.48
N ASN A 450 3.15 13.17 2.11
CA ASN A 450 3.30 13.73 0.75
C ASN A 450 4.70 13.53 0.15
N SER A 451 5.75 13.85 0.92
CA SER A 451 7.14 13.71 0.47
C SER A 451 7.56 12.28 0.14
N MET A 452 6.85 11.27 0.69
CA MET A 452 7.15 9.86 0.44
C MET A 452 6.49 9.32 -0.82
N GLN A 453 5.51 10.06 -1.36
CA GLN A 453 4.79 9.67 -2.58
C GLN A 453 5.74 9.58 -3.77
N THR A 454 5.51 8.61 -4.65
CA THR A 454 6.40 8.37 -5.78
C THR A 454 5.61 8.48 -7.13
N VAL A 455 6.27 8.09 -8.23
N VAL A 455 6.25 8.06 -8.22
CA VAL A 455 5.79 8.21 -9.61
CA VAL A 455 5.64 8.20 -9.55
C VAL A 455 5.23 6.91 -10.22
C VAL A 455 5.17 6.91 -10.17
N PHE A 456 4.24 7.06 -11.12
CA PHE A 456 3.68 5.99 -11.93
C PHE A 456 3.32 6.57 -13.28
N VAL A 457 3.87 5.98 -14.34
CA VAL A 457 3.57 6.26 -15.74
C VAL A 457 3.52 4.92 -16.46
N GLY A 458 2.45 4.71 -17.23
CA GLY A 458 2.27 3.56 -18.08
C GLY A 458 2.13 4.06 -19.50
N TYR A 459 3.03 3.64 -20.40
CA TYR A 459 3.03 4.10 -21.80
C TYR A 459 3.11 2.93 -22.75
N GLY A 460 2.24 2.92 -23.75
CA GLY A 460 2.28 1.87 -24.75
C GLY A 460 0.93 1.46 -25.25
N PRO A 461 0.88 0.40 -26.10
CA PRO A 461 -0.41 -0.03 -26.68
C PRO A 461 -1.47 -0.49 -25.69
N THR A 462 -1.06 -1.08 -24.56
CA THR A 462 -2.02 -1.62 -23.59
C THR A 462 -2.51 -0.56 -22.60
N PHE A 463 -1.72 0.49 -22.39
CA PHE A 463 -2.13 1.58 -21.50
C PHE A 463 -3.01 2.56 -22.26
N LYS A 464 -3.82 3.36 -21.53
CA LYS A 464 -4.68 4.36 -22.18
C LYS A 464 -3.84 5.54 -22.72
N TYR A 465 -4.44 6.30 -23.63
CA TYR A 465 -3.83 7.44 -24.30
C TYR A 465 -4.20 8.73 -23.60
N ARG A 466 -3.21 9.58 -23.26
N ARG A 466 -3.20 9.58 -23.26
CA ARG A 466 -3.40 10.90 -22.63
CA ARG A 466 -3.37 10.89 -22.62
C ARG A 466 -4.41 10.85 -21.47
C ARG A 466 -4.39 10.86 -21.47
N THR A 467 -4.23 9.88 -20.56
CA THR A 467 -5.16 9.64 -19.45
C THR A 467 -4.54 9.83 -18.09
N LYS A 468 -5.25 10.57 -17.24
CA LYS A 468 -4.86 10.76 -15.85
C LYS A 468 -5.78 9.86 -15.02
N VAL A 469 -5.17 9.09 -14.12
CA VAL A 469 -5.91 8.19 -13.22
C VAL A 469 -5.69 8.66 -11.79
N PRO A 470 -6.59 8.39 -10.84
CA PRO A 470 -6.35 8.84 -9.45
C PRO A 470 -5.19 8.10 -8.80
N PRO A 471 -4.58 8.67 -7.73
CA PRO A 471 -3.50 7.97 -7.01
C PRO A 471 -3.93 6.58 -6.56
N PHE A 472 -3.00 5.63 -6.59
CA PHE A 472 -3.25 4.24 -6.20
C PHE A 472 -2.02 3.69 -5.49
N GLU A 473 -2.15 2.51 -4.87
CA GLU A 473 -1.06 1.89 -4.11
C GLU A 473 -0.20 0.98 -4.95
N ASN A 474 1.12 0.96 -4.67
CA ASN A 474 2.07 0.11 -5.42
C ASN A 474 1.80 -1.40 -5.30
N ILE A 475 1.04 -1.85 -4.25
CA ILE A 475 0.65 -3.27 -4.05
C ILE A 475 -0.22 -3.75 -5.23
N GLU A 476 -0.83 -2.81 -5.96
CA GLU A 476 -1.73 -3.09 -7.09
C GLU A 476 -1.03 -3.41 -8.41
N LEU A 477 0.23 -2.98 -8.58
CA LEU A 477 0.96 -3.14 -9.85
C LEU A 477 1.27 -4.57 -10.26
N TYR A 478 1.59 -5.47 -9.30
CA TYR A 478 1.90 -6.87 -9.61
C TYR A 478 0.78 -7.53 -10.44
N ASN A 479 -0.50 -7.30 -10.07
CA ASN A 479 -1.63 -7.86 -10.84
C ASN A 479 -1.64 -7.33 -12.29
N VAL A 480 -1.41 -6.01 -12.46
CA VAL A 480 -1.39 -5.32 -13.76
C VAL A 480 -0.25 -5.87 -14.64
N MET A 481 0.95 -6.02 -14.06
CA MET A 481 2.11 -6.55 -14.78
C MET A 481 1.87 -8.00 -15.25
N CYS A 482 1.20 -8.80 -14.40
CA CYS A 482 0.78 -10.16 -14.74
C CYS A 482 -0.20 -10.13 -15.92
N ASP A 483 -1.20 -9.22 -15.88
CA ASP A 483 -2.20 -9.04 -16.95
C ASP A 483 -1.53 -8.61 -18.27
N LEU A 484 -0.54 -7.70 -18.19
CA LEU A 484 0.23 -7.20 -19.34
C LEU A 484 1.11 -8.29 -19.96
N LEU A 485 1.36 -9.38 -19.21
CA LEU A 485 2.20 -10.50 -19.66
C LEU A 485 1.43 -11.81 -19.89
N GLY A 486 0.11 -11.78 -19.69
CA GLY A 486 -0.75 -12.96 -19.83
C GLY A 486 -0.53 -14.00 -18.75
N LEU A 487 -0.08 -13.56 -17.55
CA LEU A 487 0.22 -14.43 -16.41
C LEU A 487 -0.91 -14.43 -15.38
N LYS A 488 -1.08 -15.59 -14.71
CA LYS A 488 -2.03 -15.73 -13.61
C LYS A 488 -1.25 -15.26 -12.39
N PRO A 489 -1.68 -14.16 -11.73
CA PRO A 489 -0.90 -13.69 -10.57
C PRO A 489 -0.93 -14.67 -9.41
N ALA A 490 0.17 -14.77 -8.66
CA ALA A 490 0.23 -15.56 -7.43
C ALA A 490 -0.70 -14.87 -6.41
N PRO A 491 -1.20 -15.54 -5.32
CA PRO A 491 -2.07 -14.82 -4.36
C PRO A 491 -1.33 -13.61 -3.79
N ASN A 492 -1.96 -12.43 -3.83
CA ASN A 492 -1.30 -11.20 -3.40
C ASN A 492 -2.29 -10.23 -2.74
N ASN A 493 -1.80 -9.06 -2.28
CA ASN A 493 -2.61 -8.06 -1.55
C ASN A 493 -3.26 -6.99 -2.43
N GLY A 494 -3.05 -7.08 -3.73
CA GLY A 494 -3.74 -6.20 -4.67
C GLY A 494 -5.20 -6.63 -4.76
N THR A 495 -6.04 -5.80 -5.39
CA THR A 495 -7.45 -6.08 -5.64
C THR A 495 -7.57 -6.13 -7.15
N HIS A 496 -7.55 -7.36 -7.69
CA HIS A 496 -7.55 -7.61 -9.13
C HIS A 496 -8.78 -7.03 -9.84
N GLY A 497 -8.51 -6.05 -10.69
CA GLY A 497 -9.55 -5.32 -11.43
C GLY A 497 -9.67 -3.87 -10.98
N SER A 498 -9.10 -3.52 -9.80
CA SER A 498 -9.17 -2.14 -9.28
C SER A 498 -8.39 -1.13 -10.15
N LEU A 499 -7.44 -1.62 -10.99
CA LEU A 499 -6.69 -0.74 -11.87
C LEU A 499 -7.10 -0.91 -13.35
N ASN A 500 -8.31 -1.45 -13.61
CA ASN A 500 -8.76 -1.65 -14.99
C ASN A 500 -8.87 -0.37 -15.79
N HIS A 501 -9.12 0.76 -15.09
CA HIS A 501 -9.26 2.10 -15.69
C HIS A 501 -7.93 2.68 -16.23
N LEU A 502 -6.80 1.99 -16.04
CA LEU A 502 -5.50 2.42 -16.56
C LEU A 502 -5.25 1.85 -17.96
N LEU A 503 -6.02 0.81 -18.33
CA LEU A 503 -5.78 0.00 -19.51
C LEU A 503 -6.76 0.12 -20.67
N ARG A 504 -6.24 0.01 -21.88
CA ARG A 504 -7.03 -0.01 -23.13
C ARG A 504 -7.55 -1.44 -23.30
N THR A 505 -6.68 -2.45 -23.08
CA THR A 505 -6.98 -3.88 -23.22
C THR A 505 -6.38 -4.63 -22.01
N ASN A 506 -6.53 -5.98 -21.98
CA ASN A 506 -5.98 -6.85 -20.92
C ASN A 506 -6.58 -6.54 -19.55
N THR A 507 -7.83 -6.00 -19.52
CA THR A 507 -8.50 -5.73 -18.26
C THR A 507 -8.94 -7.06 -17.68
N PHE A 508 -8.88 -7.18 -16.35
CA PHE A 508 -9.30 -8.40 -15.66
C PHE A 508 -10.79 -8.32 -15.36
N ARG A 509 -11.55 -9.34 -15.78
CA ARG A 509 -12.99 -9.41 -15.55
C ARG A 509 -13.20 -9.99 -14.15
N PRO A 510 -13.52 -9.16 -13.14
CA PRO A 510 -13.67 -9.71 -11.79
C PRO A 510 -15.05 -10.32 -11.56
N THR A 511 -15.12 -11.27 -10.63
CA THR A 511 -16.37 -11.94 -10.29
C THR A 511 -16.67 -11.68 -8.82
N LEU A 512 -17.94 -11.30 -8.54
CA LEU A 512 -18.44 -11.01 -7.20
C LEU A 512 -18.23 -12.26 -6.31
N PRO A 513 -17.59 -12.13 -5.12
CA PRO A 513 -17.39 -13.32 -4.28
C PRO A 513 -18.75 -13.89 -3.86
N GLU A 514 -18.90 -15.21 -3.89
CA GLU A 514 -20.17 -15.85 -3.52
C GLU A 514 -20.41 -15.77 -2.02
N GLU A 515 -21.65 -15.46 -1.61
CA GLU A 515 -21.98 -15.41 -0.18
C GLU A 515 -21.88 -16.83 0.38
N VAL A 516 -21.13 -17.00 1.48
CA VAL A 516 -20.96 -18.32 2.12
C VAL A 516 -22.11 -18.60 3.10
N SER A 517 -22.43 -17.62 3.95
CA SER A 517 -23.50 -17.78 4.95
C SER A 517 -24.71 -16.93 4.64
N ARG A 518 -25.86 -17.59 4.40
CA ARG A 518 -27.13 -16.90 4.18
C ARG A 518 -27.67 -16.43 5.53
N PRO A 519 -28.26 -15.22 5.61
CA PRO A 519 -28.80 -14.77 6.90
C PRO A 519 -30.13 -15.43 7.26
N ASN A 520 -30.45 -15.43 8.56
CA ASN A 520 -31.76 -15.84 9.05
C ASN A 520 -32.52 -14.51 9.09
N TYR A 521 -33.84 -14.54 8.97
CA TYR A 521 -34.67 -13.32 9.04
C TYR A 521 -35.65 -13.55 10.19
N PRO A 522 -35.20 -13.38 11.46
CA PRO A 522 -36.09 -13.73 12.58
C PRO A 522 -37.27 -12.80 12.78
N GLY A 523 -38.39 -13.40 13.17
CA GLY A 523 -39.61 -12.70 13.53
C GLY A 523 -39.70 -12.69 15.04
N ILE A 524 -40.84 -12.23 15.61
CA ILE A 524 -41.05 -12.22 17.07
C ILE A 524 -41.20 -13.67 17.55
N MET A 525 -40.30 -14.10 18.44
CA MET A 525 -40.30 -15.47 18.97
C MET A 525 -40.22 -15.52 20.49
N TYR A 526 -40.14 -14.34 21.14
CA TYR A 526 -40.02 -14.23 22.59
C TYR A 526 -40.92 -13.16 23.20
N LEU A 527 -41.18 -13.29 24.49
CA LEU A 527 -41.96 -12.31 25.24
C LEU A 527 -40.95 -11.55 26.08
N GLN A 528 -41.30 -10.33 26.51
CA GLN A 528 -40.49 -9.48 27.39
C GLN A 528 -40.10 -10.28 28.66
N SER A 529 -41.07 -11.06 29.21
CA SER A 529 -40.93 -11.89 30.41
C SER A 529 -39.95 -13.08 30.27
N ASP A 530 -39.54 -13.43 29.02
CA ASP A 530 -38.60 -14.52 28.77
C ASP A 530 -37.14 -14.13 29.08
N PHE A 531 -36.89 -12.82 29.26
CA PHE A 531 -35.54 -12.30 29.47
C PHE A 531 -35.23 -11.94 30.92
N ASP A 532 -33.99 -12.22 31.33
CA ASP A 532 -33.44 -11.91 32.65
C ASP A 532 -31.98 -11.50 32.40
N LEU A 533 -31.81 -10.33 31.78
CA LEU A 533 -30.50 -9.83 31.37
C LEU A 533 -29.87 -8.85 32.36
N GLY A 534 -30.62 -8.46 33.38
CA GLY A 534 -30.18 -7.48 34.37
C GLY A 534 -30.22 -6.06 33.83
N CYS A 535 -30.99 -5.84 32.74
CA CYS A 535 -31.19 -4.54 32.08
C CYS A 535 -32.45 -3.88 32.64
N THR A 536 -32.53 -2.54 32.53
CA THR A 536 -33.70 -1.73 32.91
C THR A 536 -33.91 -0.67 31.84
N CYS A 537 -35.17 -0.26 31.62
CA CYS A 537 -35.57 0.81 30.71
C CYS A 537 -36.86 1.43 31.20
N ASP A 538 -36.79 2.72 31.60
CA ASP A 538 -37.86 3.55 32.20
C ASP A 538 -39.23 3.50 31.53
N ASP A 539 -39.28 3.36 30.19
CA ASP A 539 -40.54 3.31 29.46
C ASP A 539 -40.67 2.03 28.63
N LYS A 553 -40.17 -4.96 8.21
CA LYS A 553 -39.23 -4.65 7.14
C LYS A 553 -39.53 -3.26 6.53
N GLY A 554 -40.66 -3.13 5.82
CA GLY A 554 -41.10 -1.89 5.17
C GLY A 554 -40.10 -1.35 4.16
N SER A 555 -39.71 -0.07 4.32
CA SER A 555 -38.75 0.62 3.44
C SER A 555 -37.31 0.71 4.03
N THR A 556 -37.04 -0.02 5.15
CA THR A 556 -35.74 -0.07 5.84
C THR A 556 -34.58 -0.30 4.86
N GLU A 557 -34.69 -1.37 4.04
CA GLU A 557 -33.69 -1.77 3.05
C GLU A 557 -33.40 -0.67 2.04
N GLU A 558 -34.45 -0.09 1.43
CA GLU A 558 -34.37 0.97 0.43
C GLU A 558 -33.65 2.24 0.93
N ARG A 559 -34.00 2.70 2.14
CA ARG A 559 -33.48 3.92 2.74
C ARG A 559 -32.09 3.76 3.39
N HIS A 560 -31.90 2.71 4.17
CA HIS A 560 -30.70 2.53 4.97
C HIS A 560 -29.64 1.58 4.40
N LEU A 561 -29.99 0.76 3.40
CA LEU A 561 -29.05 -0.16 2.79
C LEU A 561 -28.96 0.22 1.31
N LEU A 562 -28.26 1.34 1.05
CA LEU A 562 -28.15 1.96 -0.27
C LEU A 562 -27.40 1.16 -1.34
N TYR A 563 -26.47 0.28 -0.95
CA TYR A 563 -25.62 -0.46 -1.90
C TYR A 563 -25.75 -1.97 -1.74
N GLY A 564 -26.92 -2.39 -1.26
CA GLY A 564 -27.24 -3.79 -1.03
C GLY A 564 -26.69 -4.29 0.29
N ARG A 565 -27.12 -5.48 0.66
CA ARG A 565 -26.68 -6.09 1.89
C ARG A 565 -25.22 -6.54 1.77
N PRO A 566 -24.35 -6.29 2.78
CA PRO A 566 -22.99 -6.86 2.72
C PRO A 566 -23.10 -8.39 2.73
N ALA A 567 -22.21 -9.09 2.03
CA ALA A 567 -22.27 -10.55 2.06
C ALA A 567 -21.27 -11.08 3.06
N VAL A 568 -21.62 -12.19 3.71
CA VAL A 568 -20.75 -12.83 4.70
C VAL A 568 -19.99 -13.93 3.98
N LEU A 569 -18.67 -13.79 3.88
CA LEU A 569 -17.80 -14.71 3.13
C LEU A 569 -17.18 -15.86 3.95
N TYR A 570 -17.76 -16.16 5.11
CA TYR A 570 -17.30 -17.28 5.94
C TYR A 570 -18.50 -18.01 6.51
N ARG A 571 -18.28 -19.20 7.08
CA ARG A 571 -19.38 -19.97 7.66
C ARG A 571 -19.71 -19.48 9.07
N THR A 572 -20.96 -19.03 9.28
CA THR A 572 -21.43 -18.50 10.57
C THR A 572 -22.95 -18.46 10.66
N SER A 573 -23.48 -18.11 11.84
N SER A 573 -23.48 -18.11 11.84
CA SER A 573 -24.90 -18.00 12.10
CA SER A 573 -24.92 -18.00 12.10
C SER A 573 -25.21 -16.54 12.45
C SER A 573 -25.23 -16.55 12.46
N TYR A 574 -25.98 -15.86 11.58
CA TYR A 574 -26.33 -14.46 11.79
C TYR A 574 -27.74 -14.11 11.31
N ASP A 575 -28.28 -13.00 11.83
CA ASP A 575 -29.65 -12.54 11.58
C ASP A 575 -29.70 -11.15 10.99
N ILE A 576 -30.63 -10.93 10.04
CA ILE A 576 -30.87 -9.58 9.53
C ILE A 576 -31.97 -9.01 10.40
N LEU A 577 -31.73 -7.84 10.99
CA LEU A 577 -32.68 -7.14 11.84
C LEU A 577 -33.01 -5.80 11.20
N TYR A 578 -34.30 -5.56 10.97
CA TYR A 578 -34.79 -4.31 10.38
C TYR A 578 -35.34 -3.40 11.44
N HIS A 579 -35.13 -2.09 11.27
CA HIS A 579 -35.66 -1.05 12.18
C HIS A 579 -35.94 0.19 11.32
N THR A 580 -36.75 1.13 11.85
CA THR A 580 -37.07 2.37 11.12
C THR A 580 -35.82 3.13 10.64
N ASP A 581 -34.82 3.26 11.53
CA ASP A 581 -33.63 4.06 11.27
C ASP A 581 -32.37 3.33 10.87
N PHE A 582 -32.34 2.00 11.01
CA PHE A 582 -31.14 1.23 10.71
C PHE A 582 -31.45 -0.24 10.44
N GLU A 583 -30.49 -0.92 9.80
CA GLU A 583 -30.53 -2.35 9.53
C GLU A 583 -29.21 -2.95 9.99
N SER A 584 -29.26 -4.16 10.53
CA SER A 584 -28.03 -4.81 10.99
C SER A 584 -27.97 -6.30 10.63
N GLY A 585 -26.75 -6.82 10.61
CA GLY A 585 -26.44 -8.23 10.44
C GLY A 585 -25.90 -8.67 11.79
N TYR A 586 -26.77 -9.23 12.63
CA TYR A 586 -26.46 -9.60 14.02
C TYR A 586 -25.88 -11.01 14.11
N SER A 587 -24.65 -11.13 14.64
CA SER A 587 -23.98 -12.43 14.81
C SER A 587 -24.43 -13.15 16.07
N GLU A 588 -24.93 -14.38 15.92
CA GLU A 588 -25.33 -15.20 17.07
C GLU A 588 -24.09 -15.75 17.80
N ILE A 589 -22.96 -15.75 17.11
CA ILE A 589 -21.69 -16.26 17.63
C ILE A 589 -20.98 -15.23 18.50
N PHE A 590 -20.86 -14.00 17.99
CA PHE A 590 -20.17 -12.91 18.67
C PHE A 590 -21.12 -12.05 19.50
N LEU A 591 -22.43 -12.37 19.47
CA LEU A 591 -23.47 -11.71 20.28
C LEU A 591 -23.60 -10.21 20.02
N MET A 592 -23.33 -9.78 18.78
CA MET A 592 -23.40 -8.37 18.39
C MET A 592 -23.45 -8.23 16.87
N PRO A 593 -23.79 -7.04 16.31
CA PRO A 593 -23.77 -6.93 14.84
C PRO A 593 -22.38 -7.03 14.24
N LEU A 594 -22.28 -7.61 13.05
CA LEU A 594 -21.05 -7.66 12.26
C LEU A 594 -21.00 -6.33 11.51
N TRP A 595 -22.19 -5.77 11.24
CA TRP A 595 -22.38 -4.51 10.53
C TRP A 595 -23.73 -3.92 10.90
N THR A 596 -23.80 -2.59 10.88
CA THR A 596 -25.00 -1.77 11.16
C THR A 596 -24.98 -0.67 10.11
N SER A 597 -26.06 -0.59 9.33
CA SER A 597 -26.17 0.33 8.21
C SER A 597 -27.29 1.32 8.40
N TYR A 598 -27.00 2.61 8.15
CA TYR A 598 -28.00 3.67 8.31
C TYR A 598 -27.66 4.87 7.47
N THR A 599 -28.69 5.59 6.99
CA THR A 599 -28.52 6.80 6.18
C THR A 599 -28.99 8.00 6.99
N ILE A 600 -28.18 9.08 6.97
CA ILE A 600 -28.44 10.36 7.64
C ILE A 600 -28.49 11.41 6.53
N SER A 601 -29.66 12.04 6.33
CA SER A 601 -29.80 13.05 5.28
C SER A 601 -29.18 14.38 5.75
N LYS A 602 -28.94 15.32 4.79
CA LYS A 602 -28.39 16.65 5.09
C LYS A 602 -29.27 17.40 6.11
N GLN A 603 -30.59 17.21 6.03
CA GLN A 603 -31.59 17.85 6.88
C GLN A 603 -31.88 17.14 8.21
N ALA A 604 -31.21 16.01 8.51
CA ALA A 604 -31.46 15.24 9.74
C ALA A 604 -31.24 16.03 11.02
N GLU A 605 -32.12 15.81 12.02
CA GLU A 605 -32.03 16.46 13.31
C GLU A 605 -31.34 15.57 14.33
N VAL A 606 -30.43 16.17 15.12
CA VAL A 606 -29.70 15.51 16.20
C VAL A 606 -30.44 15.83 17.49
N SER A 607 -30.73 14.79 18.27
CA SER A 607 -31.44 14.93 19.54
C SER A 607 -30.60 14.32 20.66
N SER A 608 -30.87 14.74 21.90
N SER A 608 -30.87 14.73 21.91
CA SER A 608 -30.19 14.23 23.08
CA SER A 608 -30.18 14.22 23.08
C SER A 608 -30.93 13.02 23.64
C SER A 608 -30.93 13.01 23.62
N ILE A 609 -30.23 12.15 24.39
CA ILE A 609 -30.84 10.97 25.02
C ILE A 609 -31.52 11.55 26.28
N PRO A 610 -32.86 11.37 26.46
CA PRO A 610 -33.51 11.91 27.67
C PRO A 610 -32.88 11.30 28.92
N GLU A 611 -32.74 12.11 29.99
CA GLU A 611 -32.13 11.74 31.28
C GLU A 611 -32.61 10.37 31.79
N HIS A 612 -33.93 10.12 31.75
CA HIS A 612 -34.54 8.86 32.21
C HIS A 612 -34.22 7.65 31.31
N LEU A 613 -33.70 7.89 30.08
CA LEU A 613 -33.35 6.81 29.15
C LEU A 613 -31.84 6.60 28.99
N THR A 614 -31.02 7.33 29.80
CA THR A 614 -29.55 7.25 29.76
C THR A 614 -29.05 5.80 29.87
N ASN A 615 -29.63 5.03 30.79
CA ASN A 615 -29.22 3.64 31.03
C ASN A 615 -30.19 2.62 30.44
N CYS A 616 -31.03 3.04 29.48
CA CYS A 616 -31.98 2.13 28.84
C CYS A 616 -31.30 1.13 27.92
N VAL A 617 -31.60 -0.16 28.16
CA VAL A 617 -31.19 -1.30 27.35
C VAL A 617 -32.42 -2.21 27.35
N ARG A 618 -32.88 -2.59 26.15
CA ARG A 618 -34.10 -3.36 25.97
C ARG A 618 -33.85 -4.71 25.32
N PRO A 619 -34.50 -5.78 25.82
CA PRO A 619 -34.38 -7.09 25.14
C PRO A 619 -34.99 -7.03 23.74
N ASP A 620 -34.43 -7.80 22.80
CA ASP A 620 -34.93 -7.88 21.43
C ASP A 620 -35.72 -9.20 21.30
N VAL A 621 -37.04 -9.08 21.14
CA VAL A 621 -37.97 -10.22 21.07
C VAL A 621 -37.78 -11.12 19.80
N ARG A 622 -36.90 -10.72 18.85
CA ARG A 622 -36.59 -11.52 17.66
C ARG A 622 -35.38 -12.44 17.95
N VAL A 623 -34.62 -12.13 19.00
CA VAL A 623 -33.37 -12.82 19.35
C VAL A 623 -33.47 -13.47 20.73
N SER A 624 -33.13 -14.76 20.83
CA SER A 624 -33.21 -15.52 22.08
C SER A 624 -32.33 -14.96 23.21
N PRO A 625 -32.71 -15.17 24.50
CA PRO A 625 -31.82 -14.74 25.61
C PRO A 625 -30.42 -15.38 25.51
N GLY A 626 -30.36 -16.63 25.05
CA GLY A 626 -29.12 -17.39 24.87
C GLY A 626 -28.19 -16.79 23.82
N PHE A 627 -28.75 -16.04 22.85
CA PHE A 627 -27.98 -15.38 21.80
C PHE A 627 -27.90 -13.87 21.98
N SER A 628 -28.12 -13.40 23.21
CA SER A 628 -28.08 -11.98 23.54
C SER A 628 -27.00 -11.67 24.56
N GLN A 629 -26.55 -10.40 24.57
CA GLN A 629 -25.63 -9.91 25.59
C GLN A 629 -26.50 -9.71 26.87
N ASN A 630 -25.89 -9.22 27.94
CA ASN A 630 -26.63 -8.93 29.17
C ASN A 630 -26.01 -7.74 29.88
N CYS A 631 -26.84 -6.97 30.60
CA CYS A 631 -26.38 -5.79 31.31
C CYS A 631 -25.61 -6.10 32.56
N LEU A 632 -25.89 -7.26 33.20
CA LEU A 632 -25.19 -7.66 34.43
C LEU A 632 -23.68 -7.74 34.22
N ALA A 633 -23.24 -8.30 33.07
CA ALA A 633 -21.81 -8.42 32.71
C ALA A 633 -21.16 -7.04 32.65
N TYR A 634 -21.84 -6.07 32.03
CA TYR A 634 -21.37 -4.69 31.93
C TYR A 634 -21.32 -3.99 33.28
N LYS A 635 -22.30 -4.25 34.16
CA LYS A 635 -22.33 -3.64 35.50
C LYS A 635 -21.19 -4.17 36.36
N ASN A 636 -20.96 -5.49 36.32
CA ASN A 636 -19.90 -6.21 37.05
C ASN A 636 -18.51 -5.78 36.58
N ASP A 637 -18.34 -5.56 35.26
CA ASP A 637 -17.05 -5.19 34.69
C ASP A 637 -16.81 -3.72 34.93
N LYS A 638 -15.96 -3.41 35.92
CA LYS A 638 -15.70 -2.00 36.27
C LYS A 638 -14.78 -1.24 35.30
N GLN A 639 -14.21 -1.94 34.28
CA GLN A 639 -13.35 -1.30 33.28
C GLN A 639 -14.08 -1.17 31.92
N MET A 640 -15.15 -1.96 31.73
CA MET A 640 -15.85 -1.99 30.44
C MET A 640 -17.23 -1.37 30.49
N SER A 641 -17.51 -0.47 29.55
CA SER A 641 -18.84 0.13 29.41
C SER A 641 -19.41 -0.42 28.10
N TYR A 642 -20.41 0.27 27.53
CA TYR A 642 -21.00 -0.13 26.25
C TYR A 642 -21.36 1.10 25.43
N GLY A 643 -21.36 0.91 24.13
CA GLY A 643 -21.78 1.92 23.17
C GLY A 643 -22.86 1.31 22.29
N PHE A 644 -23.37 2.09 21.34
CA PHE A 644 -24.38 1.61 20.39
C PHE A 644 -23.87 1.81 18.97
N LEU A 645 -24.14 0.87 18.06
CA LEU A 645 -23.68 1.00 16.67
C LEU A 645 -24.54 2.02 15.90
N PHE A 646 -25.87 1.93 16.02
CA PHE A 646 -26.73 2.98 15.50
C PHE A 646 -26.90 3.93 16.70
N PRO A 647 -26.54 5.22 16.58
CA PRO A 647 -26.64 6.10 17.75
C PRO A 647 -28.05 6.60 18.07
N PRO A 648 -28.51 6.46 19.34
CA PRO A 648 -29.82 7.03 19.73
C PRO A 648 -29.95 8.51 19.41
N TYR A 649 -28.81 9.26 19.39
CA TYR A 649 -28.74 10.70 19.07
C TYR A 649 -29.33 11.06 17.71
N LEU A 650 -29.26 10.14 16.75
CA LEU A 650 -29.71 10.37 15.38
C LEU A 650 -31.04 9.71 15.04
N SER A 651 -31.80 9.29 16.06
CA SER A 651 -33.13 8.69 15.87
C SER A 651 -34.05 9.67 15.12
N SER A 652 -34.91 9.15 14.24
CA SER A 652 -35.82 9.98 13.45
C SER A 652 -37.01 10.53 14.26
N SER A 653 -37.33 9.90 15.42
CA SER A 653 -38.42 10.31 16.31
C SER A 653 -38.21 9.78 17.74
N PRO A 654 -38.84 10.35 18.81
CA PRO A 654 -38.68 9.77 20.15
C PRO A 654 -39.13 8.31 20.24
N GLU A 655 -40.15 7.91 19.43
CA GLU A 655 -40.65 6.52 19.38
C GLU A 655 -39.57 5.59 18.78
N ALA A 656 -38.95 6.01 17.66
CA ALA A 656 -37.90 5.25 16.98
C ALA A 656 -36.65 5.12 17.84
N LYS A 657 -36.41 6.10 18.73
CA LYS A 657 -35.25 6.11 19.64
C LYS A 657 -35.17 4.83 20.48
N TYR A 658 -36.33 4.25 20.86
CA TYR A 658 -36.38 3.02 21.65
C TYR A 658 -35.67 1.84 20.97
N ASP A 659 -35.69 1.79 19.63
CA ASP A 659 -35.00 0.75 18.86
C ASP A 659 -33.49 0.82 19.03
N ALA A 660 -32.95 2.05 19.20
CA ALA A 660 -31.50 2.23 19.34
C ALA A 660 -30.99 1.68 20.68
N PHE A 661 -31.89 1.50 21.65
CA PHE A 661 -31.55 0.97 22.97
C PHE A 661 -31.67 -0.55 23.04
N LEU A 662 -31.95 -1.22 21.89
CA LEU A 662 -32.03 -2.68 21.87
C LEU A 662 -30.68 -3.30 22.21
N VAL A 663 -30.71 -4.41 22.97
CA VAL A 663 -29.55 -5.19 23.38
C VAL A 663 -28.75 -5.66 22.15
N THR A 664 -29.43 -5.80 20.99
CA THR A 664 -28.85 -6.23 19.71
C THR A 664 -28.10 -5.11 18.96
N ASN A 665 -28.10 -3.89 19.51
CA ASN A 665 -27.43 -2.72 18.93
C ASN A 665 -26.25 -2.28 19.84
N MET A 666 -26.11 -2.90 21.02
CA MET A 666 -25.04 -2.56 21.95
C MET A 666 -23.74 -3.30 21.65
N VAL A 667 -22.62 -2.65 21.95
CA VAL A 667 -21.27 -3.20 21.76
C VAL A 667 -20.38 -2.83 22.94
N PRO A 668 -19.39 -3.68 23.34
CA PRO A 668 -18.56 -3.32 24.49
C PRO A 668 -17.55 -2.24 24.17
N MET A 669 -17.50 -1.19 25.01
CA MET A 669 -16.58 -0.09 24.76
C MET A 669 -15.96 0.42 26.04
N TYR A 670 -14.64 0.61 26.02
CA TYR A 670 -13.96 1.20 27.18
C TYR A 670 -14.42 2.65 27.33
N PRO A 671 -14.59 3.17 28.57
CA PRO A 671 -14.96 4.59 28.74
C PRO A 671 -14.07 5.56 27.96
N ALA A 672 -12.74 5.31 27.93
CA ALA A 672 -11.80 6.14 27.16
C ALA A 672 -12.15 6.14 25.67
N PHE A 673 -12.53 4.96 25.12
CA PHE A 673 -12.94 4.86 23.73
C PHE A 673 -14.28 5.55 23.48
N LYS A 674 -15.20 5.49 24.45
N LYS A 674 -15.20 5.49 24.45
CA LYS A 674 -16.52 6.13 24.34
CA LYS A 674 -16.52 6.13 24.34
C LYS A 674 -16.42 7.63 24.06
C LYS A 674 -16.43 7.64 24.06
N ARG A 675 -15.36 8.30 24.57
CA ARG A 675 -15.12 9.74 24.34
C ARG A 675 -14.96 9.97 22.82
N VAL A 676 -14.22 9.05 22.14
CA VAL A 676 -13.99 9.09 20.69
C VAL A 676 -15.29 8.74 19.94
N TRP A 677 -15.91 7.59 20.29
CA TRP A 677 -17.12 7.08 19.65
C TRP A 677 -18.31 8.03 19.71
N THR A 678 -18.61 8.57 20.92
CA THR A 678 -19.71 9.52 21.15
C THR A 678 -19.48 10.80 20.34
N TYR A 679 -18.23 11.30 20.29
CA TYR A 679 -17.95 12.52 19.51
C TYR A 679 -18.21 12.26 18.03
N PHE A 680 -17.78 11.08 17.52
CA PHE A 680 -18.02 10.71 16.12
C PHE A 680 -19.54 10.67 15.83
N GLN A 681 -20.30 9.98 16.68
CA GLN A 681 -21.73 9.78 16.47
C GLN A 681 -22.60 11.04 16.65
N ARG A 682 -22.33 11.83 17.70
CA ARG A 682 -23.12 13.01 18.07
C ARG A 682 -22.74 14.26 17.28
N VAL A 683 -21.45 14.41 16.93
CA VAL A 683 -20.96 15.58 16.21
C VAL A 683 -20.57 15.28 14.76
N LEU A 684 -19.63 14.34 14.55
CA LEU A 684 -19.06 14.14 13.23
C LEU A 684 -20.01 13.56 12.17
N VAL A 685 -20.91 12.62 12.50
CA VAL A 685 -21.86 12.06 11.51
C VAL A 685 -22.71 13.18 10.88
N LYS A 686 -23.30 14.06 11.72
CA LYS A 686 -24.10 15.20 11.27
C LYS A 686 -23.25 16.19 10.44
N LYS A 687 -22.00 16.44 10.88
CA LYS A 687 -21.05 17.29 10.13
C LYS A 687 -20.88 16.72 8.72
N TYR A 688 -20.58 15.40 8.60
CA TYR A 688 -20.39 14.77 7.30
C TYR A 688 -21.65 14.83 6.44
N ALA A 689 -22.82 14.54 7.03
CA ALA A 689 -24.10 14.61 6.31
C ALA A 689 -24.35 16.03 5.76
N SER A 690 -24.07 17.07 6.56
CA SER A 690 -24.25 18.47 6.20
C SER A 690 -23.30 18.93 5.09
N GLU A 691 -22.04 18.45 5.11
CA GLU A 691 -21.04 18.83 4.11
C GLU A 691 -21.08 18.01 2.82
N ARG A 692 -21.45 16.71 2.90
N ARG A 692 -21.46 16.72 2.91
CA ARG A 692 -21.48 15.77 1.78
CA ARG A 692 -21.48 15.79 1.77
C ARG A 692 -22.88 15.54 1.19
C ARG A 692 -22.87 15.55 1.19
N ASN A 693 -23.89 16.26 1.70
CA ASN A 693 -25.30 16.17 1.28
C ASN A 693 -25.88 14.76 1.57
N GLY A 694 -25.89 14.42 2.84
CA GLY A 694 -26.32 13.11 3.31
C GLY A 694 -25.17 12.12 3.26
N VAL A 695 -25.18 11.15 4.17
CA VAL A 695 -24.17 10.09 4.22
C VAL A 695 -24.85 8.77 4.57
N ASN A 696 -24.32 7.68 4.04
CA ASN A 696 -24.70 6.33 4.40
C ASN A 696 -23.52 5.82 5.25
N VAL A 697 -23.84 5.35 6.45
CA VAL A 697 -22.85 4.88 7.41
C VAL A 697 -23.00 3.39 7.68
N ILE A 698 -21.90 2.64 7.55
CA ILE A 698 -21.86 1.21 7.94
C ILE A 698 -20.83 1.13 9.07
N SER A 699 -21.27 0.76 10.26
CA SER A 699 -20.36 0.64 11.41
C SER A 699 -20.33 -0.77 11.97
N GLY A 700 -19.25 -1.12 12.65
CA GLY A 700 -19.18 -2.44 13.23
C GLY A 700 -17.89 -2.74 13.99
N PRO A 701 -17.87 -3.92 14.65
CA PRO A 701 -16.66 -4.31 15.38
C PRO A 701 -15.67 -5.03 14.47
N ILE A 702 -14.42 -5.09 14.93
CA ILE A 702 -13.34 -5.85 14.29
C ILE A 702 -12.61 -6.60 15.39
N PHE A 703 -12.27 -7.87 15.12
CA PHE A 703 -11.52 -8.70 16.06
C PHE A 703 -10.24 -9.13 15.36
N ASP A 704 -9.09 -8.57 15.78
CA ASP A 704 -7.80 -8.93 15.19
C ASP A 704 -6.72 -9.06 16.27
N TYR A 705 -6.94 -9.96 17.22
CA TYR A 705 -6.03 -10.21 18.34
C TYR A 705 -4.64 -10.66 17.90
N ASN A 706 -4.55 -11.43 16.80
CA ASN A 706 -3.24 -11.89 16.29
C ASN A 706 -2.64 -10.94 15.23
N TYR A 707 -3.19 -9.70 15.14
CA TYR A 707 -2.72 -8.62 14.26
C TYR A 707 -2.25 -9.09 12.84
N ASN A 708 -3.03 -9.99 12.22
CA ASN A 708 -2.68 -10.50 10.90
C ASN A 708 -3.49 -9.80 9.78
N GLY A 709 -4.29 -8.79 10.16
CA GLY A 709 -5.12 -8.04 9.23
C GLY A 709 -6.34 -8.78 8.72
N LEU A 710 -6.59 -9.98 9.28
CA LEU A 710 -7.71 -10.84 8.90
C LEU A 710 -8.61 -11.10 10.08
N ARG A 711 -9.91 -11.26 9.80
CA ARG A 711 -10.96 -11.58 10.76
C ARG A 711 -10.54 -12.76 11.65
N ASP A 712 -10.60 -12.58 12.97
CA ASP A 712 -10.29 -13.63 13.90
C ASP A 712 -11.40 -14.69 13.93
N ILE A 713 -11.00 -15.93 14.19
CA ILE A 713 -11.94 -17.03 14.45
C ILE A 713 -12.13 -16.99 15.99
N GLU A 714 -13.21 -17.59 16.51
CA GLU A 714 -13.54 -17.63 17.96
C GLU A 714 -12.36 -17.92 18.90
N ASP A 715 -11.55 -18.95 18.58
CA ASP A 715 -10.40 -19.40 19.38
C ASP A 715 -9.29 -18.35 19.53
N GLU A 716 -9.23 -17.37 18.61
CA GLU A 716 -8.24 -16.29 18.63
C GLU A 716 -8.61 -15.10 19.52
N ILE A 717 -9.89 -14.99 19.96
CA ILE A 717 -10.35 -13.89 20.83
C ILE A 717 -9.74 -14.06 22.22
N LYS A 718 -9.01 -13.04 22.72
CA LYS A 718 -8.31 -13.13 24.00
C LYS A 718 -8.90 -12.28 25.14
N GLN A 719 -10.00 -11.54 24.88
CA GLN A 719 -10.63 -10.74 25.91
C GLN A 719 -12.14 -10.76 25.79
N TYR A 720 -12.80 -10.90 26.94
CA TYR A 720 -14.25 -10.93 27.05
C TYR A 720 -14.71 -9.98 28.14
N VAL A 721 -15.98 -9.55 28.09
CA VAL A 721 -16.54 -8.72 29.16
C VAL A 721 -16.59 -9.65 30.38
N GLU A 722 -16.14 -9.17 31.55
CA GLU A 722 -16.04 -9.95 32.80
C GLU A 722 -17.19 -10.93 33.04
N GLY A 723 -16.82 -12.20 33.26
CA GLY A 723 -17.73 -13.31 33.53
C GLY A 723 -18.72 -13.63 32.42
N SER A 724 -18.40 -13.27 31.16
CA SER A 724 -19.31 -13.50 30.04
C SER A 724 -18.63 -14.07 28.80
N SER A 725 -19.44 -14.41 27.77
N SER A 725 -19.44 -14.41 27.77
CA SER A 725 -18.96 -14.88 26.49
CA SER A 725 -18.95 -14.88 26.48
C SER A 725 -19.02 -13.73 25.45
C SER A 725 -19.02 -13.73 25.45
N ILE A 726 -19.16 -12.48 25.94
CA ILE A 726 -19.23 -11.29 25.06
C ILE A 726 -17.79 -10.94 24.65
N PRO A 727 -17.42 -11.10 23.36
CA PRO A 727 -16.04 -10.81 22.94
C PRO A 727 -15.76 -9.31 22.86
N VAL A 728 -14.52 -8.95 23.16
CA VAL A 728 -14.15 -7.53 23.11
C VAL A 728 -13.47 -7.20 21.77
N PRO A 729 -14.04 -6.32 20.93
CA PRO A 729 -13.35 -5.95 19.68
C PRO A 729 -12.01 -5.25 19.91
N THR A 730 -11.05 -5.49 18.99
CA THR A 730 -9.75 -4.80 19.05
C THR A 730 -9.89 -3.43 18.38
N HIS A 731 -10.91 -3.31 17.50
CA HIS A 731 -11.17 -2.11 16.70
C HIS A 731 -12.65 -1.92 16.40
N TYR A 732 -13.03 -0.68 16.03
CA TYR A 732 -14.35 -0.32 15.53
C TYR A 732 -14.17 0.43 14.22
N TYR A 733 -14.93 0.02 13.20
CA TYR A 733 -14.87 0.66 11.88
C TYR A 733 -16.13 1.44 11.56
N SER A 734 -16.05 2.28 10.53
CA SER A 734 -17.17 2.96 9.89
C SER A 734 -16.79 3.26 8.45
N ILE A 735 -17.72 2.99 7.53
CA ILE A 735 -17.61 3.26 6.10
C ILE A 735 -18.65 4.33 5.84
N ILE A 736 -18.21 5.50 5.38
CA ILE A 736 -19.07 6.68 5.18
C ILE A 736 -19.13 7.00 3.69
N THR A 737 -20.25 6.64 3.06
CA THR A 737 -20.45 6.81 1.61
C THR A 737 -21.43 7.92 1.28
N SER A 738 -21.14 8.66 0.22
CA SER A 738 -22.03 9.70 -0.30
C SER A 738 -21.87 9.80 -1.82
N CYS A 739 -22.58 10.73 -2.45
CA CYS A 739 -22.51 10.92 -3.89
C CYS A 739 -21.28 11.74 -4.26
N LEU A 740 -20.48 11.30 -5.26
CA LEU A 740 -19.31 12.07 -5.68
C LEU A 740 -19.77 13.46 -6.13
N ASP A 741 -20.90 13.51 -6.86
CA ASP A 741 -21.53 14.77 -7.23
C ASP A 741 -22.36 15.16 -5.98
N PHE A 742 -21.78 15.97 -5.10
CA PHE A 742 -22.41 16.41 -3.84
C PHE A 742 -23.69 17.24 -4.04
N THR A 743 -24.05 17.64 -5.30
CA THR A 743 -25.30 18.38 -5.52
C THR A 743 -26.48 17.40 -5.47
N GLN A 744 -26.16 16.10 -5.45
CA GLN A 744 -27.15 15.02 -5.34
C GLN A 744 -27.10 14.43 -3.94
N PRO A 745 -28.26 14.19 -3.28
CA PRO A 745 -28.23 13.58 -1.94
C PRO A 745 -27.76 12.12 -2.00
N ALA A 746 -27.15 11.62 -0.91
CA ALA A 746 -26.61 10.26 -0.84
C ALA A 746 -27.64 9.19 -1.19
N ASP A 747 -28.92 9.40 -0.81
CA ASP A 747 -30.02 8.46 -1.07
C ASP A 747 -30.60 8.56 -2.50
N LYS A 748 -30.14 9.54 -3.32
CA LYS A 748 -30.60 9.74 -4.70
C LYS A 748 -29.42 10.09 -5.62
N CYS A 749 -28.37 9.26 -5.58
CA CYS A 749 -27.16 9.46 -6.35
C CYS A 749 -27.20 8.63 -7.64
N ASP A 750 -27.13 9.32 -8.80
CA ASP A 750 -27.17 8.70 -10.12
C ASP A 750 -25.82 8.19 -10.64
N GLY A 751 -24.71 8.72 -10.12
CA GLY A 751 -23.38 8.36 -10.61
C GLY A 751 -22.37 7.80 -9.62
N PRO A 752 -21.05 8.08 -9.83
CA PRO A 752 -20.01 7.53 -8.93
C PRO A 752 -20.17 7.94 -7.47
N LEU A 753 -19.62 7.11 -6.57
CA LEU A 753 -19.69 7.35 -5.12
C LEU A 753 -18.41 7.96 -4.56
N SER A 754 -18.49 8.48 -3.33
CA SER A 754 -17.36 9.05 -2.58
C SER A 754 -17.39 8.36 -1.22
N VAL A 755 -16.24 7.91 -0.75
CA VAL A 755 -16.11 7.18 0.51
C VAL A 755 -14.94 7.63 1.36
N SER A 756 -15.13 7.58 2.67
CA SER A 756 -14.08 7.77 3.67
C SER A 756 -14.41 6.75 4.75
N SER A 757 -13.37 6.05 5.24
CA SER A 757 -13.51 5.01 6.24
C SER A 757 -12.41 5.11 7.28
N PHE A 758 -12.62 4.42 8.41
CA PHE A 758 -11.63 4.38 9.46
C PHE A 758 -11.72 3.06 10.20
N ILE A 759 -10.62 2.68 10.88
CA ILE A 759 -10.52 1.49 11.73
C ILE A 759 -9.89 2.02 13.02
N LEU A 760 -10.73 2.39 13.99
CA LEU A 760 -10.24 2.95 15.24
C LEU A 760 -9.79 1.87 16.21
N PRO A 761 -8.58 1.98 16.81
CA PRO A 761 -8.18 1.01 17.84
C PRO A 761 -9.06 1.16 19.07
N HIS A 762 -9.58 0.03 19.59
CA HIS A 762 -10.42 0.03 20.78
C HIS A 762 -9.50 -0.06 21.99
N ARG A 763 -9.03 1.09 22.45
CA ARG A 763 -8.07 1.16 23.54
C ARG A 763 -8.65 1.63 24.87
N PRO A 764 -8.14 1.09 26.01
CA PRO A 764 -8.65 1.49 27.34
C PRO A 764 -8.18 2.87 27.82
N ASP A 765 -7.33 3.53 27.04
CA ASP A 765 -6.84 4.86 27.36
C ASP A 765 -6.68 5.65 26.06
N ASN A 766 -6.43 6.94 26.17
CA ASN A 766 -6.17 7.79 25.02
C ASN A 766 -4.72 8.29 25.04
N ASP A 767 -3.78 7.40 25.41
CA ASP A 767 -2.35 7.73 25.48
C ASP A 767 -1.77 8.09 24.13
N GLU A 768 -2.37 7.56 23.04
CA GLU A 768 -1.93 7.88 21.69
C GLU A 768 -2.13 9.37 21.38
N SER A 769 -3.19 9.99 21.91
CA SER A 769 -3.53 11.39 21.68
C SER A 769 -3.03 12.24 22.85
N CYS A 770 -1.88 12.91 22.65
CA CYS A 770 -1.22 13.72 23.69
C CYS A 770 -2.10 14.86 24.23
N ASN A 771 -3.07 15.38 23.45
N ASN A 771 -3.07 15.36 23.44
CA ASN A 771 -3.91 16.46 23.96
CA ASN A 771 -3.99 16.44 23.79
C ASN A 771 -5.33 15.96 24.35
C ASN A 771 -5.37 15.93 24.24
N SER A 772 -5.49 14.64 24.58
CA SER A 772 -6.77 14.01 24.97
C SER A 772 -7.38 14.56 26.29
N SER A 773 -6.61 15.27 27.13
CA SER A 773 -7.19 15.88 28.34
C SER A 773 -8.12 17.05 27.97
N GLU A 774 -7.97 17.61 26.74
CA GLU A 774 -8.77 18.72 26.24
C GLU A 774 -10.11 18.19 25.72
N ASP A 775 -11.04 19.10 25.38
CA ASP A 775 -12.32 18.73 24.78
C ASP A 775 -12.06 17.91 23.49
N GLU A 776 -12.97 16.95 23.18
CA GLU A 776 -12.90 16.07 22.01
C GLU A 776 -12.79 16.83 20.68
N SER A 777 -13.31 18.08 20.62
CA SER A 777 -13.21 18.93 19.42
C SER A 777 -11.74 19.31 19.10
N LYS A 778 -10.82 19.05 20.03
CA LYS A 778 -9.39 19.38 19.90
C LYS A 778 -8.51 18.18 19.53
N TRP A 779 -9.02 16.93 19.54
CA TRP A 779 -8.15 15.78 19.28
C TRP A 779 -8.78 14.56 18.61
N VAL A 780 -10.11 14.36 18.74
CA VAL A 780 -10.77 13.16 18.22
C VAL A 780 -10.63 13.04 16.69
N GLU A 781 -10.87 14.13 15.95
CA GLU A 781 -10.74 14.12 14.49
C GLU A 781 -9.34 13.75 14.03
N GLU A 782 -8.31 14.33 14.68
CA GLU A 782 -6.90 14.06 14.41
C GLU A 782 -6.61 12.55 14.54
N LEU A 783 -7.12 11.92 15.62
CA LEU A 783 -6.97 10.48 15.83
C LEU A 783 -7.63 9.66 14.70
N MET A 784 -8.88 9.98 14.35
CA MET A 784 -9.65 9.30 13.30
C MET A 784 -8.95 9.38 11.95
N LYS A 785 -8.39 10.57 11.61
CA LYS A 785 -7.67 10.82 10.36
C LYS A 785 -6.43 9.94 10.27
N MET A 786 -5.73 9.76 11.40
CA MET A 786 -4.53 8.91 11.50
C MET A 786 -4.88 7.45 11.21
N HIS A 787 -6.09 7.04 11.61
CA HIS A 787 -6.58 5.69 11.45
C HIS A 787 -7.55 5.53 10.25
N THR A 788 -7.41 6.43 9.25
CA THR A 788 -8.15 6.34 7.99
C THR A 788 -7.89 4.95 7.36
N ALA A 789 -8.85 4.42 6.58
CA ALA A 789 -8.71 3.09 6.00
C ALA A 789 -9.41 2.93 4.68
N ARG A 790 -9.09 1.86 3.95
CA ARG A 790 -9.76 1.54 2.70
C ARG A 790 -10.90 0.60 3.09
N VAL A 791 -11.96 0.58 2.27
CA VAL A 791 -13.07 -0.37 2.47
C VAL A 791 -12.48 -1.80 2.42
N ARG A 792 -11.51 -2.03 1.52
CA ARG A 792 -10.81 -3.32 1.38
C ARG A 792 -10.14 -3.80 2.69
N ASP A 793 -9.55 -2.87 3.49
CA ASP A 793 -8.93 -3.21 4.79
C ASP A 793 -9.97 -3.78 5.74
N ILE A 794 -11.16 -3.16 5.74
CA ILE A 794 -12.29 -3.58 6.55
C ILE A 794 -12.82 -4.95 6.08
N GLU A 795 -12.92 -5.16 4.76
CA GLU A 795 -13.36 -6.45 4.21
C GLU A 795 -12.46 -7.59 4.70
N HIS A 796 -11.11 -7.42 4.65
CA HIS A 796 -10.17 -8.44 5.14
C HIS A 796 -10.39 -8.72 6.64
N LEU A 797 -10.58 -7.65 7.43
CA LEU A 797 -10.75 -7.71 8.88
C LEU A 797 -12.10 -8.24 9.35
N THR A 798 -13.11 -8.29 8.47
CA THR A 798 -14.46 -8.71 8.85
C THR A 798 -15.01 -9.94 8.10
N GLY A 799 -14.42 -10.27 6.95
CA GLY A 799 -14.93 -11.33 6.08
C GLY A 799 -16.24 -10.91 5.44
N LEU A 800 -16.48 -9.57 5.33
CA LEU A 800 -17.67 -9.00 4.73
C LEU A 800 -17.32 -8.47 3.34
N ASP A 801 -18.32 -8.43 2.44
CA ASP A 801 -18.15 -7.92 1.08
C ASP A 801 -19.20 -6.84 0.83
N PHE A 802 -18.76 -5.60 0.63
CA PHE A 802 -19.65 -4.42 0.49
C PHE A 802 -19.96 -4.02 -0.94
N TYR A 803 -20.88 -3.05 -1.13
CA TYR A 803 -21.26 -2.47 -2.44
C TYR A 803 -21.63 -3.53 -3.48
N ARG A 804 -22.39 -4.54 -3.08
CA ARG A 804 -22.78 -5.61 -3.99
C ARG A 804 -23.91 -5.22 -4.94
N LYS A 805 -24.70 -4.19 -4.57
CA LYS A 805 -25.83 -3.76 -5.40
C LYS A 805 -25.80 -2.26 -5.70
N THR A 806 -25.11 -1.89 -6.79
CA THR A 806 -25.02 -0.48 -7.19
C THR A 806 -25.37 -0.37 -8.68
N SER A 807 -25.43 0.87 -9.20
CA SER A 807 -25.66 1.12 -10.62
C SER A 807 -24.29 1.33 -11.30
N ARG A 808 -23.18 1.03 -10.58
CA ARG A 808 -21.82 1.21 -11.08
C ARG A 808 -21.19 -0.09 -11.56
N SER A 809 -20.19 -0.03 -12.46
CA SER A 809 -19.49 -1.23 -12.94
C SER A 809 -18.70 -1.83 -11.76
N TYR A 810 -18.50 -3.16 -11.78
CA TYR A 810 -17.75 -3.82 -10.71
C TYR A 810 -16.30 -3.32 -10.60
N SER A 811 -15.65 -3.00 -11.74
CA SER A 811 -14.28 -2.46 -11.79
C SER A 811 -14.20 -1.11 -11.07
N GLU A 812 -15.21 -0.25 -11.27
CA GLU A 812 -15.27 1.06 -10.61
C GLU A 812 -15.43 0.87 -9.09
N ILE A 813 -16.27 -0.10 -8.67
CA ILE A 813 -16.48 -0.41 -7.26
C ILE A 813 -15.20 -0.95 -6.61
N LEU A 814 -14.43 -1.77 -7.35
CA LEU A 814 -13.15 -2.28 -6.83
C LEU A 814 -12.16 -1.12 -6.56
N THR A 815 -12.14 -0.10 -7.46
CA THR A 815 -11.33 1.12 -7.31
C THR A 815 -11.78 1.87 -6.04
N LEU A 816 -13.11 2.00 -5.86
CA LEU A 816 -13.71 2.64 -4.70
C LEU A 816 -13.30 1.93 -3.41
N LYS A 817 -13.29 0.59 -3.42
CA LYS A 817 -12.89 -0.19 -2.23
C LYS A 817 -11.42 -0.02 -1.83
N THR A 818 -10.53 0.27 -2.81
CA THR A 818 -9.10 0.46 -2.54
C THR A 818 -8.77 1.91 -2.21
N TYR A 819 -9.74 2.84 -2.40
CA TYR A 819 -9.52 4.26 -2.11
C TYR A 819 -9.15 4.48 -0.63
N LEU A 820 -8.19 5.37 -0.38
CA LEU A 820 -7.79 5.76 0.96
C LEU A 820 -7.87 7.27 1.05
N HIS A 821 -8.72 7.79 1.95
N HIS A 821 -8.73 7.78 1.95
CA HIS A 821 -8.86 9.24 2.14
CA HIS A 821 -8.82 9.22 2.14
C HIS A 821 -7.70 9.70 3.04
C HIS A 821 -7.65 9.64 3.02
N THR A 822 -6.73 10.44 2.46
CA THR A 822 -5.57 10.93 3.20
C THR A 822 -5.87 12.38 3.57
N TYR A 823 -5.25 12.86 4.63
CA TYR A 823 -5.57 14.20 5.10
C TYR A 823 -4.35 15.12 5.03
N GLU A 824 -3.55 14.93 3.97
CA GLU A 824 -2.33 15.70 3.68
C GLU A 824 -2.62 17.14 3.27
#